data_6PT4
#
_entry.id   6PT4
#
_cell.length_a   57.470
_cell.length_b   102.091
_cell.length_c   170.780
_cell.angle_alpha   90.000
_cell.angle_beta   90.000
_cell.angle_gamma   90.000
#
_symmetry.space_group_name_H-M   'P 21 21 21'
#
loop_
_entity.id
_entity.type
_entity.pdbx_description
1 polymer 'exo-2S-iota carrageenan S1 sulfatase'
2 non-polymer 'CALCIUM ION'
3 non-polymer 1,2-ETHANEDIOL
4 non-polymer 'CHLORIDE ION'
5 water water
#
_entity_poly.entity_id   1
_entity_poly.type   'polypeptide(L)'
_entity_poly.pdbx_seq_one_letter_code
;MGSSHHHHHHSSGLVPRGSHMASIKKPNVLILLFDDMRFDTFSYRNGPVSTPNIDALANEGTRFDQAMTSTGL(CSD)SP
SRAAMFTGRWGHKTGLDDNVGLYHSRLSELSLSEGSVIKRATSIGYDVSYVGKWHLGAQGPALRGANFMWGHDKDEERNG
RPFTPYQTQKNVARMNAGERDKNGEKHDYYKTLPGTYADTVTAKEVNEGKLMLQNAAKSDKPFFGIVSFEQPHPPYRVPE
PYASMYDYKDIKLPKNFGIKRKHKPMAQDDIWWPWHDVSHMSETDWRKAHSFYYGAIAMIDHAVGELINTAKEEGLYDDL
HIILVGDQGSMLGEHNLYDKGPYAYDELMRMPLIIRDPSLEPKIINRQVSMLDIAPTLRQWMTLPLDGDEDGRSLLPLMK
QGDSADAGKDDISLYAYEWYNGGWFGIRAIRTPEMKFVWNPGDSRDELYDLKNDPYEITNQIDNPKYKKQLTDLVHKMAG
ELNRIDDPSLTKFNHHMKAFL
;
_entity_poly.pdbx_strand_id   B,A
#
# COMPACT_ATOMS: atom_id res chain seq x y z
N LYS A 25 -25.02 19.41 -36.50
CA LYS A 25 -26.00 19.66 -35.43
C LYS A 25 -25.48 19.07 -34.09
N LYS A 26 -24.84 17.87 -34.01
CA LYS A 26 -24.12 17.47 -32.77
C LYS A 26 -22.89 18.37 -32.70
N PRO A 27 -22.57 18.94 -31.53
CA PRO A 27 -21.49 19.92 -31.42
C PRO A 27 -20.09 19.29 -31.46
N ASN A 28 -19.19 19.99 -32.09
CA ASN A 28 -17.75 19.67 -32.01
C ASN A 28 -17.22 20.00 -30.62
N VAL A 29 -16.44 19.09 -30.09
CA VAL A 29 -15.89 19.23 -28.72
C VAL A 29 -14.38 19.13 -28.77
N LEU A 30 -13.69 20.03 -28.07
CA LEU A 30 -12.23 19.95 -27.86
C LEU A 30 -11.96 19.99 -26.37
N ILE A 31 -11.24 19.00 -25.89
CA ILE A 31 -10.73 19.01 -24.48
C ILE A 31 -9.23 19.27 -24.53
N LEU A 32 -8.82 20.28 -23.78
CA LEU A 32 -7.41 20.61 -23.52
C LEU A 32 -7.13 20.23 -22.07
N LEU A 33 -6.43 19.11 -21.90
CA LEU A 33 -6.20 18.48 -20.60
C LEU A 33 -4.72 18.67 -20.26
N PHE A 34 -4.47 19.07 -19.04
CA PHE A 34 -3.10 19.35 -18.56
C PHE A 34 -2.82 18.56 -17.30
N ASP A 35 -1.59 18.12 -17.14
CA ASP A 35 -1.23 17.22 -16.01
C ASP A 35 -0.68 18.08 -14.85
N ASP A 36 -1.34 18.02 -13.70
CA ASP A 36 -0.83 18.59 -12.42
C ASP A 36 -0.75 20.11 -12.54
N MET A 37 -1.69 20.72 -13.20
CA MET A 37 -1.82 22.15 -13.38
C MET A 37 -2.67 22.74 -12.26
N ARG A 38 -2.10 23.59 -11.43
CA ARG A 38 -2.82 24.20 -10.29
C ARG A 38 -3.90 25.17 -10.73
N PHE A 39 -4.84 25.44 -9.81
CA PHE A 39 -5.96 26.31 -10.12
C PHE A 39 -5.52 27.76 -10.20
N ASP A 40 -4.44 28.15 -9.51
CA ASP A 40 -4.22 29.56 -9.07
C ASP A 40 -3.20 30.30 -9.91
N THR A 41 -2.55 29.68 -10.88
CA THR A 41 -1.33 30.25 -11.45
C THR A 41 -1.67 31.37 -12.44
N PHE A 42 -2.82 31.29 -13.08
CA PHE A 42 -3.21 32.10 -14.25
C PHE A 42 -3.44 33.53 -13.89
N SER A 43 -3.18 34.39 -14.85
CA SER A 43 -3.48 35.82 -14.63
C SER A 43 -4.97 36.09 -14.47
N TYR A 44 -5.85 35.30 -15.06
CA TYR A 44 -7.30 35.58 -14.86
C TYR A 44 -7.73 35.23 -13.44
N ARG A 45 -6.89 34.50 -12.71
CA ARG A 45 -7.18 34.20 -11.29
C ARG A 45 -6.29 35.08 -10.40
N ASN A 46 -5.78 36.18 -10.97
CA ASN A 46 -4.86 37.11 -10.24
C ASN A 46 -3.58 36.40 -9.80
N GLY A 47 -3.19 35.37 -10.55
CA GLY A 47 -1.98 34.61 -10.29
C GLY A 47 -0.78 35.26 -10.95
N PRO A 48 0.39 34.67 -10.70
CA PRO A 48 1.65 35.34 -11.05
C PRO A 48 2.11 35.18 -12.50
N VAL A 49 1.45 34.34 -13.28
CA VAL A 49 1.88 34.07 -14.66
C VAL A 49 0.93 34.72 -15.65
N SER A 50 1.47 35.47 -16.58
CA SER A 50 0.70 36.05 -17.68
C SER A 50 0.26 34.93 -18.63
N THR A 51 -1.04 34.69 -18.71
CA THR A 51 -1.62 33.59 -19.51
C THR A 51 -2.70 34.15 -20.41
N PRO A 52 -2.34 34.98 -21.41
CA PRO A 52 -3.38 35.66 -22.19
C PRO A 52 -4.31 34.73 -22.99
N ASN A 53 -3.80 33.63 -23.50
CA ASN A 53 -4.66 32.73 -24.32
C ASN A 53 -5.65 32.00 -23.39
N ILE A 54 -5.19 31.51 -22.26
CA ILE A 54 -6.10 30.85 -21.29
C ILE A 54 -7.06 31.90 -20.72
N ASP A 55 -6.58 33.08 -20.41
CA ASP A 55 -7.45 34.16 -19.92
C ASP A 55 -8.56 34.43 -20.94
N ALA A 56 -8.22 34.48 -22.22
CA ALA A 56 -9.25 34.81 -23.24
C ALA A 56 -10.29 33.71 -23.25
N LEU A 57 -9.91 32.45 -23.16
CA LEU A 57 -10.90 31.36 -23.08
C LEU A 57 -11.73 31.48 -21.80
N ALA A 58 -11.13 31.80 -20.67
CA ALA A 58 -11.85 32.02 -19.40
C ALA A 58 -12.89 33.13 -19.60
N ASN A 59 -12.51 34.21 -20.27
CA ASN A 59 -13.40 35.38 -20.41
C ASN A 59 -14.55 35.07 -21.40
N GLU A 60 -14.32 34.15 -22.32
CA GLU A 60 -15.35 33.79 -23.33
C GLU A 60 -16.25 32.67 -22.80
N GLY A 61 -15.82 31.94 -21.78
CA GLY A 61 -16.49 30.72 -21.33
C GLY A 61 -17.09 30.83 -19.97
N THR A 62 -17.29 29.65 -19.41
CA THR A 62 -17.79 29.52 -18.02
C THR A 62 -16.60 29.15 -17.15
N ARG A 63 -16.28 30.05 -16.25
CA ARG A 63 -15.15 29.85 -15.31
C ARG A 63 -15.67 29.08 -14.10
N PHE A 64 -15.16 27.89 -13.89
CA PHE A 64 -15.47 27.11 -12.67
C PHE A 64 -14.33 27.37 -11.69
N ASP A 65 -14.45 28.40 -10.89
CA ASP A 65 -13.33 28.89 -10.09
C ASP A 65 -13.19 28.08 -8.79
N GLN A 66 -14.12 27.21 -8.46
CA GLN A 66 -14.05 26.31 -7.27
CA GLN A 66 -14.12 26.31 -7.27
C GLN A 66 -14.26 24.87 -7.74
N ALA A 67 -13.62 24.55 -8.85
CA ALA A 67 -13.59 23.15 -9.33
C ALA A 67 -12.62 22.33 -8.49
N MET A 68 -13.01 21.10 -8.21
CA MET A 68 -12.27 20.13 -7.37
C MET A 68 -12.05 18.85 -8.15
N THR A 69 -10.86 18.32 -8.16
CA THR A 69 -10.64 16.99 -8.69
C THR A 69 -11.29 15.93 -7.80
N SER A 70 -11.38 14.74 -8.36
CA SER A 70 -11.85 13.55 -7.65
C SER A 70 -10.78 12.96 -6.74
N THR A 71 -9.54 12.94 -7.22
CA THR A 71 -8.38 12.41 -6.49
C THR A 71 -7.17 13.15 -7.02
N GLY A 72 -6.22 13.55 -6.16
CA GLY A 72 -4.98 14.16 -6.60
C GLY A 72 -3.96 13.14 -7.11
N LEU A 73 -4.37 12.30 -8.04
CA LEU A 73 -3.50 11.25 -8.63
C LEU A 73 -3.92 11.06 -10.07
N SER A 75 -4.07 8.49 -12.75
CA SER A 75 -4.99 7.62 -13.44
C SER A 75 -6.36 7.71 -12.81
N PRO A 76 -6.55 7.70 -11.46
CA PRO A 76 -7.90 7.77 -10.89
C PRO A 76 -8.64 9.00 -11.40
N SER A 77 -7.99 10.16 -11.42
CA SER A 77 -8.68 11.39 -11.84
C SER A 77 -9.12 11.27 -13.29
N ARG A 78 -8.30 10.68 -14.14
CA ARG A 78 -8.60 10.59 -15.58
C ARG A 78 -9.69 9.56 -15.82
N ALA A 79 -9.67 8.46 -15.09
CA ALA A 79 -10.75 7.49 -15.21
C ALA A 79 -12.05 8.14 -14.77
N ALA A 80 -12.08 8.86 -13.68
CA ALA A 80 -13.32 9.51 -13.21
C ALA A 80 -13.76 10.56 -14.26
N MET A 81 -12.82 11.32 -14.79
CA MET A 81 -13.14 12.31 -15.84
C MET A 81 -13.83 11.62 -17.04
N PHE A 82 -13.22 10.57 -17.57
CA PHE A 82 -13.67 10.00 -18.86
C PHE A 82 -14.78 9.02 -18.66
N THR A 83 -15.04 8.44 -17.49
CA THR A 83 -16.14 7.49 -17.28
C THR A 83 -17.35 8.14 -16.61
N GLY A 84 -17.18 9.12 -15.77
CA GLY A 84 -18.26 9.67 -14.95
C GLY A 84 -18.59 8.85 -13.73
N ARG A 85 -17.75 7.88 -13.36
CA ARG A 85 -17.98 7.10 -12.13
C ARG A 85 -16.72 7.09 -11.28
N TRP A 86 -16.97 6.93 -9.98
CA TRP A 86 -15.88 6.78 -8.99
C TRP A 86 -15.16 5.46 -9.20
N GLY A 87 -13.92 5.41 -8.76
CA GLY A 87 -13.06 4.22 -8.92
C GLY A 87 -13.59 2.98 -8.28
N HIS A 88 -14.37 3.02 -7.21
CA HIS A 88 -14.90 1.74 -6.66
C HIS A 88 -15.84 1.11 -7.67
N LYS A 89 -16.40 1.88 -8.59
CA LYS A 89 -17.31 1.30 -9.60
C LYS A 89 -16.50 0.82 -10.81
N THR A 90 -15.55 1.58 -11.29
CA THR A 90 -14.80 1.23 -12.51
C THR A 90 -13.64 0.28 -12.23
N GLY A 91 -13.20 0.25 -10.98
CA GLY A 91 -12.00 -0.51 -10.62
C GLY A 91 -10.74 0.33 -10.72
N LEU A 92 -10.82 1.53 -11.29
CA LEU A 92 -9.60 2.26 -11.59
C LEU A 92 -9.35 3.24 -10.46
N ASP A 93 -8.74 2.75 -9.39
CA ASP A 93 -8.66 3.48 -8.11
C ASP A 93 -7.25 3.75 -7.68
N ASP A 94 -6.30 3.52 -8.57
CA ASP A 94 -4.87 3.81 -8.35
C ASP A 94 -4.25 4.21 -9.70
N ASN A 95 -3.07 4.76 -9.66
CA ASN A 95 -2.27 4.88 -10.88
C ASN A 95 -2.04 3.53 -11.50
N VAL A 96 -1.89 3.53 -12.80
CA VAL A 96 -1.48 2.31 -13.52
C VAL A 96 0.01 2.38 -13.86
N GLY A 97 0.63 1.21 -13.87
CA GLY A 97 2.00 1.04 -14.38
C GLY A 97 3.13 1.67 -13.60
N LEU A 98 2.98 1.78 -12.29
CA LEU A 98 3.97 2.43 -11.42
C LEU A 98 4.16 1.57 -10.17
N TYR A 99 5.40 1.42 -9.72
CA TYR A 99 5.72 0.86 -8.40
C TYR A 99 4.87 1.54 -7.35
N HIS A 100 4.10 0.80 -6.51
CA HIS A 100 3.85 -0.63 -6.52
C HIS A 100 2.34 -0.88 -6.65
N SER A 101 1.69 -0.14 -7.53
CA SER A 101 0.27 -0.34 -7.88
C SER A 101 0.05 -1.75 -8.41
N ARG A 102 -1.11 -2.31 -8.11
CA ARG A 102 -1.59 -3.58 -8.68
C ARG A 102 -2.16 -3.43 -10.09
N LEU A 103 -2.35 -2.21 -10.58
CA LEU A 103 -3.15 -2.00 -11.80
C LEU A 103 -2.26 -1.68 -13.00
N SER A 104 -2.73 -2.12 -14.16
CA SER A 104 -2.09 -1.92 -15.48
CA SER A 104 -2.03 -1.79 -15.44
C SER A 104 -2.97 -1.05 -16.40
N GLU A 105 -4.30 -1.20 -16.32
CA GLU A 105 -5.17 -0.50 -17.29
C GLU A 105 -6.57 -0.35 -16.77
N LEU A 106 -7.25 0.69 -17.24
CA LEU A 106 -8.71 0.78 -17.14
C LEU A 106 -9.32 -0.40 -17.89
N SER A 107 -10.17 -1.13 -17.24
CA SER A 107 -10.87 -2.27 -17.88
C SER A 107 -11.44 -1.86 -19.24
N LEU A 108 -11.25 -2.69 -20.25
CA LEU A 108 -11.87 -2.42 -21.57
C LEU A 108 -13.40 -2.56 -21.49
N SER A 109 -13.96 -3.08 -20.40
CA SER A 109 -15.42 -3.04 -20.17
C SER A 109 -15.87 -1.58 -20.02
N GLU A 110 -14.98 -0.67 -19.61
CA GLU A 110 -15.29 0.76 -19.47
C GLU A 110 -14.95 1.46 -20.78
N GLY A 111 -15.97 1.68 -21.60
CA GLY A 111 -15.73 2.35 -22.90
C GLY A 111 -15.40 3.80 -22.77
N SER A 112 -15.87 4.42 -21.70
CA SER A 112 -15.72 5.86 -21.43
C SER A 112 -16.47 6.71 -22.45
N VAL A 113 -16.42 8.00 -22.28
CA VAL A 113 -16.97 8.93 -23.29
C VAL A 113 -16.34 8.70 -24.65
N ILE A 114 -15.14 8.16 -24.75
CA ILE A 114 -14.51 7.92 -26.07
C ILE A 114 -15.35 6.90 -26.84
N LYS A 115 -15.63 5.74 -26.29
CA LYS A 115 -16.39 4.73 -27.07
C LYS A 115 -17.82 5.25 -27.21
N ARG A 116 -18.40 5.88 -26.22
CA ARG A 116 -19.79 6.34 -26.29
C ARG A 116 -19.91 7.37 -27.40
N ALA A 117 -18.99 8.29 -27.56
CA ALA A 117 -19.02 9.28 -28.64
C ALA A 117 -18.80 8.58 -29.97
N THR A 118 -17.90 7.63 -30.06
CA THR A 118 -17.63 6.93 -31.35
C THR A 118 -18.94 6.26 -31.76
N SER A 119 -19.67 5.68 -30.82
CA SER A 119 -20.84 4.85 -31.13
C SER A 119 -21.95 5.70 -31.71
N ILE A 120 -21.98 7.01 -31.49
CA ILE A 120 -23.04 7.89 -32.01
C ILE A 120 -22.53 8.73 -33.18
N GLY A 121 -21.33 8.44 -33.69
CA GLY A 121 -20.87 9.01 -34.95
C GLY A 121 -19.89 10.14 -34.82
N TYR A 122 -19.33 10.31 -33.63
CA TYR A 122 -18.23 11.29 -33.54
C TYR A 122 -16.92 10.63 -34.02
N ASP A 123 -16.11 11.44 -34.68
CA ASP A 123 -14.71 11.00 -34.95
C ASP A 123 -13.92 11.48 -33.73
N VAL A 124 -13.46 10.54 -32.93
CA VAL A 124 -12.72 10.89 -31.70
C VAL A 124 -11.23 10.78 -31.97
N SER A 125 -10.47 11.78 -31.55
CA SER A 125 -9.01 11.75 -31.68
C SER A 125 -8.37 12.07 -30.33
N TYR A 126 -7.24 11.46 -30.09
CA TYR A 126 -6.52 11.59 -28.83
C TYR A 126 -5.06 11.85 -29.12
N VAL A 127 -4.50 12.85 -28.46
CA VAL A 127 -3.08 13.19 -28.50
C VAL A 127 -2.53 13.31 -27.08
N GLY A 128 -1.41 12.68 -26.80
CA GLY A 128 -0.64 12.96 -25.59
C GLY A 128 -0.86 11.99 -24.45
N LYS A 129 -0.79 12.51 -23.22
CA LYS A 129 -0.77 11.69 -21.99
C LYS A 129 -2.13 11.01 -21.85
N TRP A 130 -2.11 9.69 -21.63
CA TRP A 130 -3.33 8.89 -21.40
C TRP A 130 -3.26 8.32 -19.98
N HIS A 131 -2.33 7.44 -19.71
CA HIS A 131 -2.06 6.93 -18.34
C HIS A 131 -3.27 6.16 -17.81
N LEU A 132 -3.96 5.44 -18.71
CA LEU A 132 -5.06 4.55 -18.34
C LEU A 132 -4.89 3.17 -18.96
N GLY A 133 -3.69 2.89 -19.44
CA GLY A 133 -3.40 1.58 -20.06
C GLY A 133 -2.94 1.74 -21.48
N ALA A 134 -1.92 0.99 -21.88
CA ALA A 134 -1.36 1.02 -23.24
C ALA A 134 -2.49 0.91 -24.27
N GLN A 135 -2.43 1.73 -25.32
CA GLN A 135 -3.31 1.69 -26.51
C GLN A 135 -4.74 2.11 -26.14
N GLY A 136 -5.04 2.52 -24.94
CA GLY A 136 -6.44 2.63 -24.49
C GLY A 136 -7.37 3.46 -25.37
N PRO A 137 -6.98 4.67 -25.85
CA PRO A 137 -7.90 5.43 -26.70
C PRO A 137 -8.25 4.67 -27.96
N ALA A 138 -7.26 4.02 -28.56
CA ALA A 138 -7.45 3.28 -29.84
C ALA A 138 -8.36 2.08 -29.60
N LEU A 139 -8.19 1.37 -28.49
CA LEU A 139 -9.01 0.19 -28.17
C LEU A 139 -10.48 0.59 -28.04
N ARG A 140 -10.76 1.85 -27.74
CA ARG A 140 -12.13 2.37 -27.53
C ARG A 140 -12.64 3.14 -28.76
N GLY A 141 -11.93 3.11 -29.87
CA GLY A 141 -12.43 3.65 -31.14
C GLY A 141 -11.86 4.97 -31.54
N ALA A 142 -10.98 5.60 -30.76
CA ALA A 142 -10.37 6.88 -31.14
C ALA A 142 -9.23 6.65 -32.11
N ASN A 143 -8.92 7.68 -32.87
CA ASN A 143 -7.63 7.83 -33.56
C ASN A 143 -6.66 8.32 -32.51
N PHE A 144 -5.83 7.43 -32.02
CA PHE A 144 -4.78 7.77 -31.03
C PHE A 144 -3.62 8.27 -31.87
N MET A 145 -3.58 9.56 -32.14
CA MET A 145 -2.70 10.10 -33.19
C MET A 145 -1.24 9.98 -32.76
N TRP A 146 -0.96 10.24 -31.49
CA TRP A 146 0.44 10.38 -31.05
C TRP A 146 0.41 10.35 -29.53
N GLY A 147 1.32 9.65 -28.89
CA GLY A 147 1.44 9.71 -27.43
C GLY A 147 2.19 8.54 -26.88
N HIS A 148 2.68 8.69 -25.65
CA HIS A 148 3.50 7.66 -24.98
C HIS A 148 2.84 6.28 -25.07
N ASP A 149 1.53 6.21 -24.85
CA ASP A 149 0.82 4.89 -24.73
C ASP A 149 0.44 4.30 -26.08
N LYS A 150 0.67 5.01 -27.18
CA LYS A 150 0.10 4.57 -28.48
C LYS A 150 0.68 3.23 -28.93
N ASP A 151 1.98 3.04 -28.85
CA ASP A 151 2.51 1.75 -29.40
C ASP A 151 3.10 0.87 -28.32
N GLU A 152 2.70 1.03 -27.08
CA GLU A 152 3.15 0.21 -25.96
C GLU A 152 2.37 -1.09 -25.90
N GLU A 153 3.04 -2.18 -25.53
CA GLU A 153 2.38 -3.44 -25.19
C GLU A 153 1.64 -3.25 -23.86
N ARG A 154 0.54 -3.94 -23.75
CA ARG A 154 -0.25 -3.98 -22.51
C ARG A 154 0.42 -4.89 -21.47
N ASN A 155 -0.04 -4.76 -20.24
CA ASN A 155 0.33 -5.66 -19.12
C ASN A 155 1.82 -5.55 -18.80
N GLY A 156 2.44 -4.41 -19.06
CA GLY A 156 3.85 -4.18 -18.74
C GLY A 156 4.12 -4.23 -17.24
N ARG A 157 5.37 -4.40 -16.88
CA ARG A 157 5.75 -4.33 -15.46
C ARG A 157 5.68 -2.90 -14.96
N PRO A 158 5.33 -2.68 -13.67
CA PRO A 158 5.30 -1.33 -13.12
C PRO A 158 6.66 -0.65 -13.23
N PHE A 159 6.65 0.60 -13.69
CA PHE A 159 7.87 1.40 -13.73
C PHE A 159 8.27 1.65 -12.28
N THR A 160 9.51 1.27 -11.93
CA THR A 160 10.05 1.34 -10.57
C THR A 160 11.22 2.31 -10.54
N PRO A 161 11.15 3.34 -9.71
CA PRO A 161 12.00 4.53 -9.89
C PRO A 161 13.39 4.40 -9.29
N TYR A 162 14.12 3.38 -9.78
CA TYR A 162 15.48 3.13 -9.31
C TYR A 162 16.35 4.35 -9.56
N GLN A 163 16.29 4.97 -10.74
CA GLN A 163 17.21 6.09 -11.00
C GLN A 163 16.82 7.32 -10.16
N THR A 164 15.55 7.60 -9.96
CA THR A 164 15.13 8.72 -9.09
C THR A 164 15.63 8.50 -7.67
N GLN A 165 15.57 7.25 -7.19
CA GLN A 165 16.08 6.88 -5.87
C GLN A 165 17.57 7.23 -5.80
N LYS A 166 18.34 6.80 -6.82
CA LYS A 166 19.78 7.09 -6.82
C LYS A 166 20.01 8.60 -6.87
N ASN A 167 19.20 9.31 -7.65
CA ASN A 167 19.38 10.78 -7.76
C ASN A 167 19.16 11.43 -6.42
N VAL A 168 18.10 11.06 -5.72
CA VAL A 168 17.79 11.72 -4.42
C VAL A 168 18.84 11.33 -3.37
N ALA A 169 19.47 10.19 -3.50
CA ALA A 169 20.58 9.86 -2.58
C ALA A 169 21.71 10.86 -2.83
N ARG A 170 21.98 11.21 -4.08
CA ARG A 170 23.04 12.20 -4.36
C ARG A 170 22.62 13.56 -3.78
N MET A 171 21.34 13.92 -3.95
CA MET A 171 20.86 15.23 -3.42
C MET A 171 21.05 15.26 -1.90
N ASN A 172 20.77 14.14 -1.23
CA ASN A 172 20.90 14.12 0.23
C ASN A 172 22.35 14.19 0.66
N ALA A 173 23.29 13.85 -0.22
CA ALA A 173 24.74 14.00 0.07
C ALA A 173 25.21 15.41 -0.24
N GLY A 174 24.33 16.30 -0.65
CA GLY A 174 24.69 17.71 -0.92
C GLY A 174 25.03 17.97 -2.38
N GLU A 175 24.85 16.99 -3.24
CA GLU A 175 25.16 17.17 -4.68
C GLU A 175 24.11 17.99 -5.36
N ARG A 176 24.49 18.59 -6.47
CA ARG A 176 23.55 19.23 -7.41
C ARG A 176 23.83 18.71 -8.80
N ASP A 177 22.84 18.81 -9.65
CA ASP A 177 22.99 18.47 -11.08
C ASP A 177 23.60 19.69 -11.78
N LYS A 178 23.70 19.56 -13.12
CA LYS A 178 24.43 20.60 -13.88
C LYS A 178 23.86 22.00 -13.61
N ASN A 179 24.76 22.97 -13.52
CA ASN A 179 24.44 24.40 -13.31
C ASN A 179 23.69 24.61 -11.98
N GLY A 180 23.88 23.71 -11.02
CA GLY A 180 23.27 23.88 -9.71
C GLY A 180 21.83 23.47 -9.64
N GLU A 181 21.29 22.90 -10.72
CA GLU A 181 19.87 22.51 -10.75
C GLU A 181 19.68 21.21 -9.97
N LYS A 182 18.42 20.83 -9.76
CA LYS A 182 18.04 19.53 -9.14
C LYS A 182 17.01 18.93 -10.06
N HIS A 183 17.44 18.06 -10.94
CA HIS A 183 16.62 17.63 -12.08
C HIS A 183 15.49 16.70 -11.68
N ASP A 184 15.35 16.28 -10.44
CA ASP A 184 14.12 15.59 -9.98
C ASP A 184 13.07 16.62 -9.57
N TYR A 185 13.34 17.91 -9.73
CA TYR A 185 12.47 19.02 -9.29
C TYR A 185 12.34 20.06 -10.39
N TYR A 186 13.44 20.46 -11.00
CA TYR A 186 13.42 21.50 -12.05
C TYR A 186 14.60 21.26 -12.98
N LYS A 187 14.42 21.55 -14.25
CA LYS A 187 15.51 21.32 -15.23
C LYS A 187 15.38 22.24 -16.41
N THR A 188 16.49 22.82 -16.85
CA THR A 188 16.52 23.52 -18.15
C THR A 188 16.74 22.48 -19.24
N LEU A 189 15.75 22.28 -20.10
CA LEU A 189 15.86 21.36 -21.24
C LEU A 189 16.75 22.02 -22.29
N PRO A 190 17.47 21.19 -23.05
CA PRO A 190 18.17 21.71 -24.22
C PRO A 190 17.20 22.06 -25.33
N GLY A 191 17.66 22.88 -26.26
CA GLY A 191 16.94 23.17 -27.50
C GLY A 191 15.90 24.24 -27.32
N THR A 192 14.88 24.22 -28.15
CA THR A 192 13.88 25.28 -28.25
C THR A 192 12.50 24.72 -27.99
N TYR A 193 11.55 25.63 -27.91
CA TYR A 193 10.14 25.20 -27.84
C TYR A 193 9.81 24.22 -28.97
N ALA A 194 10.28 24.50 -30.19
CA ALA A 194 9.95 23.65 -31.34
C ALA A 194 10.44 22.22 -31.20
N ASP A 195 11.40 21.96 -30.34
CA ASP A 195 11.95 20.60 -30.14
C ASP A 195 11.17 19.83 -29.07
N THR A 196 10.22 20.47 -28.43
CA THR A 196 9.60 19.88 -27.23
C THR A 196 8.49 18.88 -27.57
N VAL A 197 8.22 18.00 -26.61
CA VAL A 197 7.01 17.16 -26.65
C VAL A 197 5.78 18.07 -26.75
N THR A 198 5.73 19.17 -26.03
CA THR A 198 4.55 20.05 -26.09
C THR A 198 4.31 20.52 -27.52
N ALA A 199 5.36 20.95 -28.22
CA ALA A 199 5.20 21.46 -29.61
C ALA A 199 4.72 20.30 -30.48
N LYS A 200 5.20 19.09 -30.29
CA LYS A 200 4.76 17.94 -31.13
C LYS A 200 3.28 17.72 -30.85
N GLU A 201 2.85 17.76 -29.59
CA GLU A 201 1.42 17.58 -29.24
C GLU A 201 0.58 18.67 -29.89
N VAL A 202 1.04 19.91 -29.89
CA VAL A 202 0.35 21.01 -30.59
C VAL A 202 0.30 20.69 -32.08
N ASN A 203 1.38 20.27 -32.68
CA ASN A 203 1.36 20.01 -34.14
C ASN A 203 0.39 18.89 -34.45
N GLU A 204 0.29 17.87 -33.63
CA GLU A 204 -0.69 16.78 -33.86
C GLU A 204 -2.09 17.35 -33.64
N GLY A 205 -2.30 18.21 -32.64
CA GLY A 205 -3.59 18.85 -32.45
C GLY A 205 -3.97 19.73 -33.62
N LYS A 206 -3.01 20.40 -34.23
CA LYS A 206 -3.33 21.23 -35.43
C LYS A 206 -3.78 20.33 -36.58
N LEU A 207 -3.10 19.22 -36.77
CA LEU A 207 -3.45 18.25 -37.84
C LEU A 207 -4.84 17.70 -37.53
N MET A 208 -5.14 17.41 -36.27
CA MET A 208 -6.47 16.94 -35.90
C MET A 208 -7.54 17.96 -36.30
N LEU A 209 -7.33 19.22 -36.02
CA LEU A 209 -8.31 20.29 -36.34
C LEU A 209 -8.40 20.46 -37.86
N GLN A 210 -7.28 20.43 -38.57
CA GLN A 210 -7.30 20.54 -40.04
C GLN A 210 -8.09 19.37 -40.62
N ASN A 211 -7.88 18.17 -40.15
CA ASN A 211 -8.58 17.00 -40.70
C ASN A 211 -10.07 17.12 -40.32
N ALA A 212 -10.42 17.61 -39.14
CA ALA A 212 -11.82 17.69 -38.70
C ALA A 212 -12.57 18.64 -39.61
N ALA A 213 -11.95 19.73 -40.05
CA ALA A 213 -12.61 20.75 -40.89
C ALA A 213 -12.95 20.16 -42.27
N LYS A 214 -12.31 19.06 -42.66
CA LYS A 214 -12.54 18.42 -43.98
C LYS A 214 -13.66 17.40 -43.90
N SER A 215 -14.18 17.10 -42.70
CA SER A 215 -15.16 16.00 -42.52
C SER A 215 -16.55 16.54 -42.25
N ASP A 216 -17.59 15.78 -42.64
CA ASP A 216 -18.99 16.15 -42.27
C ASP A 216 -19.35 15.52 -40.93
N LYS A 217 -18.51 14.66 -40.35
CA LYS A 217 -18.81 14.03 -39.03
C LYS A 217 -18.45 15.01 -37.94
N PRO A 218 -19.24 15.05 -36.85
CA PRO A 218 -18.83 15.82 -35.67
C PRO A 218 -17.53 15.23 -35.13
N PHE A 219 -16.72 16.10 -34.53
CA PHE A 219 -15.44 15.65 -33.95
C PHE A 219 -15.40 15.92 -32.44
N PHE A 220 -14.66 15.01 -31.83
CA PHE A 220 -14.34 15.06 -30.39
C PHE A 220 -12.83 14.89 -30.28
N GLY A 221 -12.11 15.99 -30.00
CA GLY A 221 -10.63 15.96 -29.90
C GLY A 221 -10.20 16.12 -28.48
N ILE A 222 -9.23 15.33 -28.07
CA ILE A 222 -8.61 15.45 -26.73
C ILE A 222 -7.11 15.63 -26.97
N VAL A 223 -6.58 16.74 -26.49
CA VAL A 223 -5.13 17.00 -26.51
C VAL A 223 -4.69 17.12 -25.05
N SER A 224 -3.95 16.11 -24.62
CA SER A 224 -3.61 15.91 -23.21
C SER A 224 -2.10 16.12 -23.02
N PHE A 225 -1.72 17.17 -22.36
CA PHE A 225 -0.30 17.55 -22.21
C PHE A 225 0.28 17.00 -20.92
N GLU A 226 1.50 16.49 -20.98
CA GLU A 226 2.27 16.16 -19.76
C GLU A 226 2.64 17.45 -19.02
N GLN A 227 2.94 18.50 -19.74
CA GLN A 227 3.16 19.80 -19.08
C GLN A 227 1.87 20.20 -18.40
N PRO A 228 1.93 20.92 -17.26
CA PRO A 228 3.13 21.44 -16.62
C PRO A 228 3.55 20.60 -15.43
N HIS A 229 3.57 19.28 -15.53
CA HIS A 229 3.78 18.41 -14.37
C HIS A 229 5.23 18.46 -13.91
N PRO A 230 5.49 18.10 -12.65
CA PRO A 230 6.88 18.04 -12.18
C PRO A 230 7.49 16.74 -12.64
N PRO A 231 8.84 16.58 -12.68
CA PRO A 231 9.80 17.68 -12.48
C PRO A 231 9.61 18.76 -13.52
N TYR A 232 9.76 20.02 -13.14
CA TYR A 232 9.47 21.17 -14.04
C TYR A 232 10.59 21.36 -15.04
N ARG A 233 10.35 20.87 -16.25
CA ARG A 233 11.42 20.80 -17.28
C ARG A 233 10.96 21.64 -18.45
N VAL A 234 11.66 22.73 -18.77
CA VAL A 234 11.31 23.60 -19.91
C VAL A 234 12.59 24.05 -20.59
N PRO A 235 12.53 24.33 -21.91
CA PRO A 235 13.67 24.92 -22.60
C PRO A 235 13.68 26.42 -22.34
N GLU A 236 14.79 27.07 -22.72
CA GLU A 236 14.79 28.54 -22.82
C GLU A 236 13.84 28.96 -23.93
N PRO A 237 13.17 30.12 -23.82
CA PRO A 237 13.34 31.09 -22.75
C PRO A 237 12.46 30.83 -21.51
N TYR A 238 11.60 29.83 -21.61
CA TYR A 238 10.64 29.57 -20.52
C TYR A 238 11.37 29.21 -19.23
N ALA A 239 12.51 28.54 -19.31
CA ALA A 239 13.26 28.14 -18.10
C ALA A 239 13.68 29.33 -17.24
N SER A 240 13.96 30.48 -17.83
CA SER A 240 14.47 31.66 -17.12
C SER A 240 13.50 32.86 -17.18
N MET A 241 12.33 32.72 -17.79
CA MET A 241 11.35 33.81 -17.99
C MET A 241 10.96 34.45 -16.66
N TYR A 242 10.66 33.64 -15.65
CA TYR A 242 10.28 34.06 -14.29
C TYR A 242 11.49 33.91 -13.39
N ASP A 243 11.93 35.02 -12.83
CA ASP A 243 13.12 35.05 -11.95
C ASP A 243 12.77 34.38 -10.64
N TYR A 244 13.54 33.34 -10.27
CA TYR A 244 13.33 32.66 -8.99
C TYR A 244 13.43 33.64 -7.82
N LYS A 245 14.20 34.69 -8.02
CA LYS A 245 14.45 35.63 -6.89
C LYS A 245 13.20 36.41 -6.58
N ASP A 246 12.25 36.50 -7.50
CA ASP A 246 11.01 37.31 -7.34
C ASP A 246 9.88 36.45 -6.79
N ILE A 247 10.07 35.14 -6.59
CA ILE A 247 8.92 34.27 -6.24
C ILE A 247 8.42 34.57 -4.83
N LYS A 248 7.12 34.76 -4.68
CA LYS A 248 6.44 34.94 -3.39
C LYS A 248 6.03 33.56 -2.90
N LEU A 249 6.47 33.18 -1.72
CA LEU A 249 6.14 31.88 -1.09
C LEU A 249 4.97 32.11 -0.13
N PRO A 250 3.99 31.21 -0.10
CA PRO A 250 2.82 31.39 0.75
C PRO A 250 3.00 31.07 2.23
N LYS A 251 1.98 31.36 3.02
CA LYS A 251 2.05 31.24 4.49
C LYS A 251 2.30 29.80 4.94
N ASN A 252 1.86 28.78 4.17
CA ASN A 252 2.06 27.37 4.56
C ASN A 252 3.30 26.78 3.90
N PHE A 253 4.16 27.61 3.32
CA PHE A 253 5.42 27.12 2.74
C PHE A 253 6.42 26.66 3.81
N GLY A 254 6.99 25.47 3.61
CA GLY A 254 8.21 25.00 4.27
C GLY A 254 8.01 24.69 5.74
N ILE A 255 6.78 24.72 6.21
CA ILE A 255 6.47 24.59 7.66
C ILE A 255 6.65 23.16 8.10
N LYS A 256 6.92 22.99 9.40
CA LYS A 256 6.81 21.66 10.05
C LYS A 256 5.31 21.35 10.15
N ARG A 257 4.93 20.17 9.70
CA ARG A 257 3.51 19.75 9.80
C ARG A 257 3.20 19.39 11.25
N LYS A 258 2.26 20.08 11.85
CA LYS A 258 1.88 19.80 13.25
C LYS A 258 0.58 19.02 13.29
N HIS A 259 0.56 17.90 13.97
CA HIS A 259 -0.66 17.11 14.19
C HIS A 259 -1.34 16.79 12.86
N LYS A 260 -0.52 16.37 11.88
CA LYS A 260 -1.05 15.88 10.59
C LYS A 260 -0.87 14.38 10.52
N PRO A 261 -1.65 13.69 9.66
CA PRO A 261 -1.52 12.26 9.55
C PRO A 261 -0.15 11.79 9.09
N MET A 262 0.18 10.59 9.48
CA MET A 262 1.49 9.99 9.21
C MET A 262 1.74 9.83 7.73
N ALA A 263 0.73 9.61 6.90
CA ALA A 263 1.00 9.40 5.46
C ALA A 263 1.63 10.64 4.87
N GLN A 264 1.46 11.82 5.45
CA GLN A 264 2.13 13.04 4.90
C GLN A 264 3.63 13.02 5.17
N ASP A 265 4.14 12.15 5.99
CA ASP A 265 5.58 12.14 6.35
C ASP A 265 6.34 11.13 5.50
N ASP A 266 5.71 10.13 4.94
CA ASP A 266 6.44 8.97 4.40
C ASP A 266 6.86 9.28 2.96
N ILE A 267 7.98 8.67 2.54
CA ILE A 267 8.63 9.01 1.26
C ILE A 267 8.09 8.00 0.25
N TRP A 268 6.89 8.24 -0.23
CA TRP A 268 6.20 7.24 -1.07
C TRP A 268 6.91 7.05 -2.41
N TRP A 269 7.22 8.18 -3.04
CA TRP A 269 8.02 8.24 -4.28
C TRP A 269 9.35 8.86 -3.90
N PRO A 270 10.50 8.50 -4.51
CA PRO A 270 11.76 8.90 -3.86
C PRO A 270 11.96 10.41 -3.77
N TRP A 271 11.44 11.18 -4.72
CA TRP A 271 11.60 12.64 -4.70
C TRP A 271 10.76 13.30 -3.60
N HIS A 272 9.93 12.55 -2.87
CA HIS A 272 9.17 13.12 -1.74
C HIS A 272 10.10 13.45 -0.60
N ASP A 273 11.32 12.94 -0.58
CA ASP A 273 12.32 13.37 0.43
C ASP A 273 12.82 14.75 0.01
N VAL A 274 12.29 15.79 0.62
CA VAL A 274 12.66 17.20 0.31
C VAL A 274 13.55 17.75 1.39
N SER A 275 14.15 16.90 2.20
CA SER A 275 14.99 17.39 3.34
C SER A 275 16.20 18.15 2.81
N HIS A 276 16.65 17.88 1.60
CA HIS A 276 17.80 18.51 0.93
C HIS A 276 17.45 19.82 0.26
N MET A 277 16.17 20.18 0.13
CA MET A 277 15.76 21.36 -0.64
C MET A 277 16.09 22.64 0.11
N SER A 278 16.78 23.53 -0.56
CA SER A 278 16.98 24.89 -0.03
C SER A 278 15.79 25.75 -0.39
N GLU A 279 15.70 26.94 0.19
CA GLU A 279 14.61 27.86 -0.19
C GLU A 279 14.77 28.21 -1.68
N THR A 280 16.00 28.37 -2.14
CA THR A 280 16.23 28.65 -3.56
C THR A 280 15.75 27.48 -4.41
N ASP A 281 15.96 26.24 -4.01
CA ASP A 281 15.43 25.10 -4.77
C ASP A 281 13.91 25.25 -4.88
N TRP A 282 13.23 25.54 -3.80
CA TRP A 282 11.77 25.68 -3.86
C TRP A 282 11.39 26.86 -4.73
N ARG A 283 12.10 27.97 -4.71
CA ARG A 283 11.77 29.11 -5.58
C ARG A 283 11.96 28.71 -7.03
N LYS A 284 13.00 27.97 -7.37
CA LYS A 284 13.23 27.50 -8.75
C LYS A 284 12.19 26.46 -9.13
N ALA A 285 11.72 25.63 -8.23
CA ALA A 285 10.59 24.74 -8.59
C ALA A 285 9.44 25.63 -9.01
N HIS A 286 9.13 26.66 -8.28
CA HIS A 286 8.07 27.62 -8.69
C HIS A 286 8.38 28.27 -10.04
N SER A 287 9.56 28.83 -10.20
CA SER A 287 9.83 29.67 -11.40
C SER A 287 9.86 28.79 -12.64
N PHE A 288 10.34 27.55 -12.56
CA PHE A 288 10.30 26.60 -13.70
C PHE A 288 8.86 26.20 -14.00
N TYR A 289 8.08 25.92 -12.93
CA TYR A 289 6.63 25.63 -13.13
C TYR A 289 5.97 26.82 -13.81
N TYR A 290 6.29 28.05 -13.43
CA TYR A 290 5.68 29.23 -14.04
C TYR A 290 6.06 29.30 -15.52
N GLY A 291 7.30 28.99 -15.86
CA GLY A 291 7.74 28.89 -17.27
C GLY A 291 6.93 27.86 -18.01
N ALA A 292 6.68 26.71 -17.40
CA ALA A 292 5.86 25.66 -18.04
C ALA A 292 4.45 26.18 -18.26
N ILE A 293 3.88 26.91 -17.34
CA ILE A 293 2.53 27.51 -17.53
C ILE A 293 2.56 28.49 -18.71
N ALA A 294 3.58 29.35 -18.78
CA ALA A 294 3.71 30.27 -19.92
C ALA A 294 3.78 29.46 -21.21
N MET A 295 4.50 28.36 -21.23
CA MET A 295 4.69 27.55 -22.43
C MET A 295 3.35 26.91 -22.79
N ILE A 296 2.60 26.39 -21.84
CA ILE A 296 1.29 25.83 -22.23
C ILE A 296 0.33 26.95 -22.61
N ASP A 297 0.44 28.18 -22.12
CA ASP A 297 -0.43 29.25 -22.62
C ASP A 297 -0.13 29.49 -24.09
N HIS A 298 1.14 29.40 -24.48
CA HIS A 298 1.51 29.55 -25.89
C HIS A 298 0.86 28.41 -26.67
N ALA A 299 0.97 27.19 -26.22
CA ALA A 299 0.39 26.00 -26.89
C ALA A 299 -1.13 26.21 -27.06
N VAL A 300 -1.83 26.66 -26.03
CA VAL A 300 -3.30 26.86 -26.11
C VAL A 300 -3.54 27.89 -27.21
N GLY A 301 -2.82 28.99 -27.23
CA GLY A 301 -3.02 30.00 -28.29
C GLY A 301 -2.82 29.36 -29.64
N GLU A 302 -1.81 28.54 -29.83
CA GLU A 302 -1.52 27.96 -31.18
C GLU A 302 -2.74 27.12 -31.58
N LEU A 303 -3.28 26.30 -30.67
CA LEU A 303 -4.41 25.42 -31.06
C LEU A 303 -5.66 26.26 -31.28
N ILE A 304 -5.95 27.25 -30.48
CA ILE A 304 -7.14 28.10 -30.66
C ILE A 304 -7.00 28.87 -31.97
N ASN A 305 -5.85 29.40 -32.27
CA ASN A 305 -5.66 30.13 -33.55
C ASN A 305 -5.90 29.16 -34.70
N THR A 306 -5.48 27.91 -34.62
CA THR A 306 -5.75 26.94 -35.71
C THR A 306 -7.25 26.67 -35.81
N ALA A 307 -7.93 26.50 -34.71
CA ALA A 307 -9.40 26.30 -34.74
C ALA A 307 -10.05 27.50 -35.42
N LYS A 308 -9.63 28.71 -35.12
CA LYS A 308 -10.16 29.94 -35.78
C LYS A 308 -9.83 29.88 -37.28
N GLU A 309 -8.61 29.60 -37.67
CA GLU A 309 -8.19 29.62 -39.09
C GLU A 309 -9.02 28.58 -39.85
N GLU A 310 -9.38 27.46 -39.23
CA GLU A 310 -10.08 26.36 -39.91
C GLU A 310 -11.60 26.57 -39.86
N GLY A 311 -12.07 27.66 -39.25
CA GLY A 311 -13.51 27.95 -39.19
C GLY A 311 -14.25 27.03 -38.21
N LEU A 312 -13.55 26.45 -37.24
CA LEU A 312 -14.18 25.56 -36.24
C LEU A 312 -14.43 26.29 -34.93
N TYR A 313 -13.76 27.38 -34.65
CA TYR A 313 -13.80 27.98 -33.31
C TYR A 313 -15.19 28.46 -32.96
N ASP A 314 -15.89 29.13 -33.88
CA ASP A 314 -17.14 29.80 -33.50
C ASP A 314 -18.15 28.84 -32.88
N ASP A 315 -18.18 27.56 -33.28
CA ASP A 315 -19.16 26.58 -32.76
C ASP A 315 -18.47 25.57 -31.85
N LEU A 316 -17.21 25.80 -31.51
CA LEU A 316 -16.44 24.75 -30.79
C LEU A 316 -16.79 24.80 -29.29
N HIS A 317 -17.14 23.65 -28.74
CA HIS A 317 -17.46 23.46 -27.32
C HIS A 317 -16.17 22.95 -26.68
N ILE A 318 -15.64 23.73 -25.73
CA ILE A 318 -14.25 23.52 -25.26
C ILE A 318 -14.26 23.27 -23.76
N ILE A 319 -13.48 22.30 -23.32
CA ILE A 319 -13.16 22.12 -21.88
C ILE A 319 -11.65 22.26 -21.70
N LEU A 320 -11.22 23.16 -20.83
CA LEU A 320 -9.79 23.22 -20.42
C LEU A 320 -9.77 22.84 -18.95
N VAL A 321 -8.98 21.83 -18.61
CA VAL A 321 -8.96 21.30 -17.23
C VAL A 321 -7.57 20.78 -16.91
N GLY A 322 -7.18 20.92 -15.65
CA GLY A 322 -6.03 20.20 -15.08
C GLY A 322 -6.50 19.01 -14.31
N ASP A 323 -5.80 17.87 -14.42
CA ASP A 323 -6.34 16.67 -13.76
C ASP A 323 -6.37 16.82 -12.23
N GLN A 324 -5.41 17.56 -11.68
CA GLN A 324 -5.33 17.93 -10.25
C GLN A 324 -4.27 19.02 -10.18
N GLY A 325 -4.05 19.57 -9.01
CA GLY A 325 -2.95 20.50 -8.80
C GLY A 325 -1.65 19.77 -8.50
N SER A 326 -0.80 20.39 -7.70
CA SER A 326 0.56 19.90 -7.41
C SER A 326 1.12 20.75 -6.27
N MET A 327 1.92 20.13 -5.45
CA MET A 327 2.47 20.81 -4.25
C MET A 327 3.84 21.41 -4.58
N LEU A 328 3.99 22.66 -4.17
CA LEU A 328 5.23 23.45 -4.38
C LEU A 328 5.77 23.89 -3.02
N GLY A 329 5.74 22.99 -2.04
CA GLY A 329 6.38 23.24 -0.73
C GLY A 329 5.41 23.63 0.36
N GLU A 330 4.12 23.73 0.02
CA GLU A 330 3.09 23.97 1.02
C GLU A 330 3.07 22.73 1.92
N HIS A 331 3.02 22.91 3.22
CA HIS A 331 3.09 21.80 4.19
C HIS A 331 4.37 21.00 4.00
N ASN A 332 5.41 21.63 3.43
CA ASN A 332 6.71 20.98 3.11
C ASN A 332 6.50 19.76 2.22
N LEU A 333 5.56 19.81 1.30
CA LEU A 333 5.29 18.72 0.34
C LEU A 333 5.62 19.14 -1.07
N TYR A 334 6.11 18.16 -1.83
CA TYR A 334 6.35 18.29 -3.29
C TYR A 334 5.47 17.32 -4.05
N ASP A 335 5.03 17.71 -5.23
CA ASP A 335 4.36 16.80 -6.22
C ASP A 335 2.98 16.45 -5.66
N LYS A 336 2.75 15.18 -5.34
CA LYS A 336 1.41 14.74 -4.92
C LYS A 336 1.61 13.55 -4.00
N GLY A 337 0.57 13.19 -3.30
CA GLY A 337 0.58 12.06 -2.39
C GLY A 337 -0.76 11.99 -1.73
N PRO A 338 -0.89 11.05 -0.79
CA PRO A 338 -2.18 10.74 -0.19
C PRO A 338 -2.56 11.77 0.86
N TYR A 339 -3.21 12.83 0.39
CA TYR A 339 -3.69 13.94 1.23
C TYR A 339 -4.61 14.80 0.38
N ALA A 340 -5.25 15.78 1.03
CA ALA A 340 -6.42 16.46 0.46
C ALA A 340 -6.25 17.96 0.42
N TYR A 341 -5.05 18.50 0.62
CA TYR A 341 -4.81 19.94 0.66
C TYR A 341 -5.32 20.58 -0.62
N ASP A 342 -5.78 21.82 -0.47
CA ASP A 342 -6.40 22.56 -1.60
C ASP A 342 -5.44 22.72 -2.79
N GLU A 343 -4.14 22.85 -2.59
CA GLU A 343 -3.25 23.10 -3.72
C GLU A 343 -3.28 21.88 -4.67
N LEU A 344 -3.56 20.68 -4.10
CA LEU A 344 -3.69 19.45 -4.92
C LEU A 344 -5.14 19.22 -5.33
N MET A 345 -6.08 19.39 -4.40
CA MET A 345 -7.50 19.05 -4.66
C MET A 345 -8.15 20.01 -5.64
N ARG A 346 -7.85 21.28 -5.58
CA ARG A 346 -8.44 22.24 -6.50
C ARG A 346 -7.89 22.03 -7.88
N MET A 347 -8.72 22.22 -8.90
CA MET A 347 -8.24 22.12 -10.29
C MET A 347 -8.74 23.29 -11.09
N PRO A 348 -7.98 23.76 -12.08
CA PRO A 348 -8.51 24.76 -13.00
C PRO A 348 -9.56 24.11 -13.91
N LEU A 349 -10.60 24.87 -14.24
CA LEU A 349 -11.65 24.34 -15.15
C LEU A 349 -12.30 25.53 -15.83
N ILE A 350 -12.33 25.46 -17.13
CA ILE A 350 -13.06 26.42 -17.99
C ILE A 350 -13.87 25.58 -18.96
N ILE A 351 -15.16 25.85 -19.10
CA ILE A 351 -16.02 25.16 -20.07
C ILE A 351 -16.65 26.23 -20.93
N ARG A 352 -16.29 26.24 -22.21
CA ARG A 352 -16.79 27.27 -23.16
C ARG A 352 -17.85 26.66 -24.08
N ASP A 353 -19.07 27.11 -23.88
CA ASP A 353 -20.21 26.77 -24.75
C ASP A 353 -20.50 28.02 -25.56
N PRO A 354 -20.32 27.96 -26.90
CA PRO A 354 -20.47 29.18 -27.70
C PRO A 354 -21.90 29.70 -27.76
N SER A 355 -22.89 28.94 -27.29
CA SER A 355 -24.29 29.41 -27.29
C SER A 355 -24.59 30.14 -26.00
N LEU A 356 -23.66 30.27 -25.06
CA LEU A 356 -23.99 30.85 -23.74
C LEU A 356 -23.13 32.08 -23.44
N GLU A 357 -23.68 32.99 -22.67
CA GLU A 357 -22.90 34.14 -22.19
C GLU A 357 -21.94 33.70 -21.10
N PRO A 358 -20.77 34.33 -21.00
CA PRO A 358 -19.78 33.98 -20.00
C PRO A 358 -20.28 34.30 -18.58
N LYS A 359 -19.94 33.41 -17.66
CA LYS A 359 -20.26 33.55 -16.24
C LYS A 359 -19.13 32.99 -15.42
N ILE A 360 -19.01 33.43 -14.18
CA ILE A 360 -18.12 32.89 -13.14
C ILE A 360 -18.95 32.08 -12.18
N ILE A 361 -18.61 30.82 -12.03
CA ILE A 361 -19.28 29.89 -11.09
C ILE A 361 -18.39 29.76 -9.86
N ASN A 362 -18.94 30.18 -8.73
CA ASN A 362 -18.22 30.14 -7.43
C ASN A 362 -18.66 28.94 -6.62
N ARG A 363 -19.79 28.32 -6.94
CA ARG A 363 -20.13 27.02 -6.26
CA ARG A 363 -20.13 27.02 -6.26
C ARG A 363 -19.17 25.85 -6.69
N GLN A 364 -18.87 24.98 -5.74
CA GLN A 364 -17.96 23.84 -6.02
C GLN A 364 -18.54 22.89 -7.06
N VAL A 365 -17.67 22.47 -7.96
CA VAL A 365 -18.00 21.40 -8.91
C VAL A 365 -16.85 20.40 -8.86
N SER A 366 -17.06 19.27 -9.51
CA SER A 366 -16.18 18.11 -9.39
C SER A 366 -15.76 17.57 -10.74
N MET A 367 -14.61 16.88 -10.75
CA MET A 367 -14.22 16.09 -11.93
C MET A 367 -15.35 15.11 -12.34
N LEU A 368 -16.17 14.63 -11.42
CA LEU A 368 -17.28 13.71 -11.78
C LEU A 368 -18.33 14.40 -12.62
N ASP A 369 -18.29 15.71 -12.76
CA ASP A 369 -19.32 16.48 -13.49
C ASP A 369 -18.89 16.64 -14.94
N ILE A 370 -17.67 16.25 -15.32
CA ILE A 370 -17.23 16.43 -16.71
C ILE A 370 -17.99 15.49 -17.65
N ALA A 371 -18.02 14.19 -17.37
CA ALA A 371 -18.70 13.23 -18.28
C ALA A 371 -20.17 13.59 -18.46
N PRO A 372 -20.96 13.89 -17.41
CA PRO A 372 -22.35 14.28 -17.64
C PRO A 372 -22.51 15.53 -18.50
N THR A 373 -21.56 16.46 -18.38
CA THR A 373 -21.59 17.72 -19.21
C THR A 373 -21.37 17.32 -20.67
N LEU A 374 -20.38 16.50 -20.95
CA LEU A 374 -20.18 15.95 -22.30
C LEU A 374 -21.41 15.18 -22.74
N ARG A 375 -21.99 14.39 -21.85
CA ARG A 375 -23.18 13.60 -22.21
C ARG A 375 -24.28 14.53 -22.63
N GLN A 376 -24.52 15.64 -21.94
CA GLN A 376 -25.60 16.55 -22.35
C GLN A 376 -25.24 17.24 -23.66
N TRP A 377 -24.03 17.75 -23.81
CA TRP A 377 -23.64 18.41 -25.07
C TRP A 377 -23.87 17.46 -26.25
N MET A 378 -23.42 16.22 -26.11
CA MET A 378 -23.18 15.32 -27.26
C MET A 378 -24.33 14.34 -27.41
N THR A 379 -25.29 14.32 -26.50
CA THR A 379 -26.35 13.31 -26.37
C THR A 379 -25.68 11.92 -26.36
N LEU A 380 -24.75 11.71 -25.46
CA LEU A 380 -24.09 10.40 -25.33
C LEU A 380 -25.06 9.41 -24.72
N PRO A 381 -25.00 8.14 -25.15
CA PRO A 381 -25.85 7.12 -24.56
C PRO A 381 -25.39 6.83 -23.13
N LEU A 382 -26.34 6.45 -22.29
CA LEU A 382 -26.08 5.93 -20.92
C LEU A 382 -25.23 4.66 -20.99
N ASP A 383 -24.20 4.53 -20.17
CA ASP A 383 -23.36 3.32 -20.03
C ASP A 383 -23.28 2.99 -18.54
N GLY A 384 -24.32 3.34 -17.78
CA GLY A 384 -24.30 3.12 -16.33
C GLY A 384 -24.46 4.40 -15.55
N ASP A 385 -24.14 4.36 -14.26
CA ASP A 385 -24.35 5.49 -13.34
C ASP A 385 -23.57 6.74 -13.79
N GLU A 386 -24.13 7.86 -13.44
CA GLU A 386 -23.40 9.14 -13.42
C GLU A 386 -23.27 9.54 -11.97
N ASP A 387 -22.05 9.54 -11.43
CA ASP A 387 -21.90 9.90 -10.00
C ASP A 387 -21.81 11.43 -9.85
N GLY A 388 -21.67 12.16 -10.94
CA GLY A 388 -21.79 13.61 -10.88
C GLY A 388 -23.01 14.14 -11.57
N ARG A 389 -22.99 15.40 -11.95
CA ARG A 389 -24.15 16.06 -12.57
C ARG A 389 -23.66 16.92 -13.72
N SER A 390 -24.50 17.12 -14.70
CA SER A 390 -24.18 18.03 -15.83
C SER A 390 -24.04 19.46 -15.31
N LEU A 391 -23.08 20.17 -15.87
CA LEU A 391 -22.81 21.58 -15.48
C LEU A 391 -23.56 22.54 -16.37
N LEU A 392 -24.39 22.05 -17.29
CA LEU A 392 -25.09 23.01 -18.19
C LEU A 392 -26.00 23.95 -17.42
N PRO A 393 -26.79 23.52 -16.42
CA PRO A 393 -27.60 24.48 -15.68
C PRO A 393 -26.78 25.61 -15.07
N LEU A 394 -25.67 25.30 -14.44
CA LEU A 394 -24.80 26.36 -13.86
C LEU A 394 -24.26 27.24 -15.00
N MET A 395 -23.86 26.65 -16.10
CA MET A 395 -23.30 27.42 -17.24
C MET A 395 -24.36 28.41 -17.72
N LYS A 396 -25.61 27.99 -17.78
CA LYS A 396 -26.70 28.85 -18.30
C LYS A 396 -27.10 29.89 -17.25
N GLN A 397 -27.27 29.47 -16.00
CA GLN A 397 -27.97 30.31 -15.00
C GLN A 397 -27.01 30.99 -14.05
N GLY A 398 -25.79 30.50 -13.91
CA GLY A 398 -24.89 30.95 -12.84
C GLY A 398 -25.19 30.19 -11.55
N ASP A 399 -24.55 30.60 -10.48
CA ASP A 399 -24.58 29.89 -9.19
C ASP A 399 -25.99 29.67 -8.68
N SER A 400 -26.91 30.58 -9.00
CA SER A 400 -28.28 30.48 -8.47
C SER A 400 -29.02 29.28 -9.03
N ALA A 401 -28.52 28.58 -10.05
CA ALA A 401 -29.12 27.29 -10.45
C ALA A 401 -29.32 26.40 -9.22
N ASP A 402 -28.35 26.42 -8.30
CA ASP A 402 -28.29 25.51 -7.14
C ASP A 402 -28.67 26.23 -5.86
N ALA A 403 -29.40 27.35 -5.92
CA ALA A 403 -29.85 28.04 -4.68
C ALA A 403 -30.60 27.05 -3.78
N GLY A 404 -30.25 27.05 -2.50
CA GLY A 404 -30.90 26.16 -1.53
C GLY A 404 -30.18 24.83 -1.38
N LYS A 405 -29.22 24.53 -2.25
CA LYS A 405 -28.50 23.24 -2.15
C LYS A 405 -27.22 23.46 -1.34
N ASP A 406 -26.87 22.42 -0.58
CA ASP A 406 -25.55 22.39 0.08
C ASP A 406 -24.44 22.56 -0.99
N ASP A 407 -23.47 23.39 -0.68
CA ASP A 407 -22.30 23.60 -1.56
C ASP A 407 -21.17 22.74 -1.02
N ILE A 408 -21.04 21.56 -1.57
CA ILE A 408 -20.06 20.54 -1.10
C ILE A 408 -19.27 20.01 -2.27
N SER A 409 -18.11 19.50 -1.96
CA SER A 409 -17.36 18.63 -2.89
C SER A 409 -16.85 17.42 -2.12
N LEU A 410 -16.77 16.30 -2.83
CA LEU A 410 -16.31 14.98 -2.32
C LEU A 410 -15.02 14.64 -3.04
N TYR A 411 -14.03 14.21 -2.27
CA TYR A 411 -12.70 13.81 -2.78
C TYR A 411 -12.34 12.49 -2.17
N ALA A 412 -11.67 11.67 -2.95
CA ALA A 412 -11.20 10.33 -2.48
C ALA A 412 -9.71 10.22 -2.70
N TYR A 413 -9.03 9.49 -1.85
CA TYR A 413 -7.63 9.12 -2.13
C TYR A 413 -7.50 7.65 -1.68
N GLU A 414 -8.02 6.76 -2.47
CA GLU A 414 -8.11 5.33 -2.11
C GLU A 414 -6.69 4.74 -2.00
N TRP A 415 -5.86 5.06 -2.98
CA TRP A 415 -4.51 4.47 -3.13
C TRP A 415 -3.54 5.55 -3.56
N TYR A 416 -2.28 5.39 -3.20
CA TYR A 416 -1.16 6.09 -3.85
C TYR A 416 -0.13 5.04 -4.25
N ASN A 417 -0.11 4.69 -5.51
CA ASN A 417 0.94 3.82 -6.10
C ASN A 417 1.13 2.58 -5.25
N GLY A 418 0.06 1.86 -4.96
CA GLY A 418 0.20 0.60 -4.22
C GLY A 418 0.07 0.73 -2.71
N GLY A 419 0.10 1.95 -2.18
CA GLY A 419 -0.23 2.20 -0.78
C GLY A 419 -1.72 2.42 -0.68
N TRP A 420 -2.42 1.68 0.16
CA TRP A 420 -3.86 1.85 0.41
C TRP A 420 -4.05 2.85 1.55
N PHE A 421 -4.92 3.83 1.34
CA PHE A 421 -5.22 4.83 2.38
C PHE A 421 -6.71 5.05 2.60
N GLY A 422 -7.55 4.81 1.63
CA GLY A 422 -9.02 4.90 1.82
C GLY A 422 -9.53 6.29 2.15
N ILE A 423 -8.79 7.33 1.83
CA ILE A 423 -9.06 8.69 2.30
C ILE A 423 -10.35 9.17 1.66
N ARG A 424 -11.16 9.89 2.42
CA ARG A 424 -12.29 10.66 1.88
C ARG A 424 -12.25 12.03 2.47
N ALA A 425 -12.59 13.04 1.68
CA ALA A 425 -12.72 14.41 2.19
C ALA A 425 -14.03 15.00 1.72
N ILE A 426 -14.64 15.78 2.60
CA ILE A 426 -15.78 16.65 2.24
CA ILE A 426 -15.81 16.66 2.29
C ILE A 426 -15.35 18.09 2.50
N ARG A 427 -15.58 18.91 1.50
CA ARG A 427 -15.17 20.31 1.52
C ARG A 427 -16.41 21.16 1.31
N THR A 428 -16.57 22.11 2.18
CA THR A 428 -17.52 23.23 2.04
C THR A 428 -16.74 24.49 1.80
N PRO A 429 -17.38 25.64 1.53
CA PRO A 429 -16.57 26.82 1.35
C PRO A 429 -15.81 27.26 2.59
N GLU A 430 -16.29 26.83 3.75
CA GLU A 430 -15.69 27.29 5.01
C GLU A 430 -14.97 26.18 5.80
N MET A 431 -15.13 24.91 5.47
CA MET A 431 -14.57 23.81 6.29
C MET A 431 -14.15 22.65 5.39
N LYS A 432 -13.24 21.85 5.87
CA LYS A 432 -12.88 20.57 5.23
C LYS A 432 -12.69 19.52 6.30
N PHE A 433 -13.29 18.38 6.11
CA PHE A 433 -13.10 17.21 6.96
C PHE A 433 -12.48 16.11 6.11
N VAL A 434 -11.41 15.54 6.61
CA VAL A 434 -10.72 14.42 5.92
C VAL A 434 -10.68 13.21 6.85
N TRP A 435 -11.26 12.12 6.35
CA TRP A 435 -11.27 10.80 7.00
C TRP A 435 -10.09 10.03 6.47
N ASN A 436 -9.21 9.60 7.39
CA ASN A 436 -8.00 8.82 7.08
C ASN A 436 -8.13 7.46 7.75
N PRO A 437 -8.87 6.52 7.15
CA PRO A 437 -9.14 5.25 7.84
C PRO A 437 -7.98 4.29 8.01
N GLY A 438 -6.83 4.57 7.36
CA GLY A 438 -5.59 3.83 7.60
C GLY A 438 -4.74 4.48 8.65
N ASP A 439 -5.31 5.40 9.41
CA ASP A 439 -4.64 6.15 10.50
C ASP A 439 -5.61 6.22 11.68
N SER A 440 -5.14 6.76 12.80
CA SER A 440 -6.03 7.19 13.90
C SER A 440 -6.34 8.66 13.82
N ARG A 441 -5.65 9.39 12.95
CA ARG A 441 -5.73 10.86 12.90
C ARG A 441 -6.49 11.31 11.65
N ASP A 442 -7.66 11.90 11.85
CA ASP A 442 -8.45 12.61 10.81
C ASP A 442 -7.98 14.05 10.79
N GLU A 443 -8.47 14.80 9.83
CA GLU A 443 -8.17 16.24 9.69
C GLU A 443 -9.45 17.04 9.66
N LEU A 444 -9.38 18.23 10.22
CA LEU A 444 -10.49 19.20 10.17
C LEU A 444 -9.89 20.58 9.98
N TYR A 445 -10.16 21.25 8.89
CA TYR A 445 -9.64 22.58 8.58
C TYR A 445 -10.76 23.59 8.51
N ASP A 446 -10.53 24.72 9.14
CA ASP A 446 -11.42 25.91 9.07
C ASP A 446 -10.87 26.74 7.91
N LEU A 447 -11.46 26.59 6.74
CA LEU A 447 -10.93 27.27 5.52
C LEU A 447 -11.21 28.76 5.59
N LYS A 448 -12.21 29.20 6.36
CA LYS A 448 -12.49 30.65 6.44
C LYS A 448 -11.35 31.34 7.21
N ASN A 449 -10.96 30.78 8.35
CA ASN A 449 -9.96 31.41 9.24
C ASN A 449 -8.55 30.88 8.98
N ASP A 450 -8.43 29.75 8.32
CA ASP A 450 -7.15 29.02 8.10
C ASP A 450 -7.17 28.47 6.67
N PRO A 451 -7.25 29.32 5.64
CA PRO A 451 -7.36 28.81 4.27
C PRO A 451 -6.10 28.04 3.87
N TYR A 452 -4.97 28.23 4.53
CA TYR A 452 -3.70 27.51 4.23
C TYR A 452 -3.65 26.16 4.92
N GLU A 453 -4.67 25.79 5.67
CA GLU A 453 -4.83 24.42 6.23
C GLU A 453 -3.64 24.07 7.13
N ILE A 454 -3.17 25.00 7.92
CA ILE A 454 -2.02 24.80 8.82
C ILE A 454 -2.44 24.09 10.08
N THR A 455 -3.63 24.36 10.60
CA THR A 455 -4.02 23.90 11.94
C THR A 455 -5.10 22.82 11.86
N ASN A 456 -4.75 21.62 12.23
CA ASN A 456 -5.69 20.50 12.29
C ASN A 456 -6.54 20.65 13.56
N GLN A 457 -7.82 20.93 13.38
CA GLN A 457 -8.77 21.19 14.48
C GLN A 457 -9.56 19.94 14.87
N ILE A 458 -9.15 18.74 14.41
CA ILE A 458 -9.96 17.53 14.60
C ILE A 458 -10.28 17.30 16.08
N ASP A 459 -9.33 17.59 16.99
CA ASP A 459 -9.48 17.31 18.44
C ASP A 459 -9.98 18.54 19.19
N ASN A 460 -10.31 19.64 18.52
CA ASN A 460 -10.67 20.91 19.18
C ASN A 460 -12.16 20.88 19.47
N PRO A 461 -12.59 20.87 20.76
CA PRO A 461 -14.01 20.79 21.04
C PRO A 461 -14.81 22.01 20.56
N LYS A 462 -14.16 23.12 20.28
CA LYS A 462 -14.84 24.30 19.73
C LYS A 462 -15.38 24.02 18.34
N TYR A 463 -14.90 22.99 17.63
CA TYR A 463 -15.37 22.68 16.27
C TYR A 463 -16.28 21.46 16.26
N LYS A 464 -16.80 21.04 17.41
CA LYS A 464 -17.70 19.86 17.46
C LYS A 464 -18.89 20.05 16.53
N LYS A 465 -19.52 21.23 16.42
CA LYS A 465 -20.75 21.35 15.58
C LYS A 465 -20.33 21.17 14.13
N GLN A 466 -19.22 21.80 13.73
CA GLN A 466 -18.81 21.74 12.31
C GLN A 466 -18.40 20.31 11.97
N LEU A 467 -17.69 19.64 12.86
CA LEU A 467 -17.28 18.24 12.64
C LEU A 467 -18.51 17.37 12.48
N THR A 468 -19.49 17.53 13.36
CA THR A 468 -20.70 16.71 13.30
C THR A 468 -21.40 16.92 11.97
N ASP A 469 -21.57 18.17 11.55
CA ASP A 469 -22.19 18.54 10.24
C ASP A 469 -21.45 17.83 9.10
N LEU A 470 -20.13 17.90 9.11
CA LEU A 470 -19.33 17.36 7.98
C LEU A 470 -19.34 15.85 7.99
N VAL A 471 -19.34 15.22 9.13
CA VAL A 471 -19.44 13.75 9.20
C VAL A 471 -20.79 13.34 8.63
N HIS A 472 -21.88 14.04 8.98
CA HIS A 472 -23.20 13.73 8.42
C HIS A 472 -23.18 13.93 6.90
N LYS A 473 -22.60 15.02 6.43
CA LYS A 473 -22.52 15.29 4.97
C LYS A 473 -21.73 14.16 4.28
N MET A 474 -20.63 13.74 4.86
CA MET A 474 -19.83 12.66 4.27
C MET A 474 -20.66 11.39 4.27
N ALA A 475 -21.33 11.06 5.36
CA ALA A 475 -22.17 9.83 5.39
C ALA A 475 -23.20 9.86 4.25
N GLY A 476 -23.81 11.01 4.00
CA GLY A 476 -24.77 11.11 2.90
C GLY A 476 -24.12 10.81 1.58
N GLU A 477 -22.96 11.39 1.36
CA GLU A 477 -22.25 11.25 0.07
C GLU A 477 -21.78 9.80 -0.16
N LEU A 478 -21.23 9.18 0.87
CA LEU A 478 -20.76 7.78 0.70
C LEU A 478 -21.95 6.87 0.41
N ASN A 479 -23.07 7.13 1.10
CA ASN A 479 -24.31 6.37 0.78
C ASN A 479 -24.76 6.63 -0.67
N ARG A 480 -24.75 7.88 -1.09
CA ARG A 480 -25.22 8.22 -2.44
C ARG A 480 -24.45 7.45 -3.50
N ILE A 481 -23.15 7.36 -3.39
CA ILE A 481 -22.29 6.71 -4.40
C ILE A 481 -22.10 5.24 -4.12
N ASP A 482 -22.80 4.68 -3.11
CA ASP A 482 -22.69 3.24 -2.80
C ASP A 482 -21.23 2.84 -2.54
N ASP A 483 -20.53 3.65 -1.74
CA ASP A 483 -19.12 3.38 -1.42
C ASP A 483 -19.07 2.21 -0.44
N PRO A 484 -18.35 1.13 -0.75
CA PRO A 484 -18.31 0.02 0.21
C PRO A 484 -17.49 0.31 1.48
N SER A 485 -16.83 1.46 1.56
CA SER A 485 -16.18 1.82 2.85
C SER A 485 -17.18 2.37 3.87
N LEU A 486 -18.48 2.44 3.53
CA LEU A 486 -19.48 2.92 4.51
C LEU A 486 -19.49 1.95 5.72
N THR A 487 -19.28 0.64 5.57
CA THR A 487 -19.25 -0.31 6.74
C THR A 487 -18.21 0.23 7.75
N LYS A 488 -17.01 0.54 7.26
CA LYS A 488 -15.94 1.01 8.18
C LYS A 488 -16.23 2.42 8.69
N PHE A 489 -16.66 3.32 7.80
CA PHE A 489 -17.04 4.65 8.21
C PHE A 489 -18.06 4.65 9.37
N ASN A 490 -19.03 3.74 9.27
CA ASN A 490 -20.11 3.69 10.29
C ASN A 490 -19.48 3.33 11.66
N HIS A 491 -18.43 2.50 11.66
CA HIS A 491 -17.72 2.17 12.91
C HIS A 491 -16.89 3.37 13.38
N HIS A 492 -16.05 3.93 12.49
CA HIS A 492 -15.12 5.00 12.90
C HIS A 492 -15.89 6.23 13.40
N MET A 493 -17.07 6.47 12.80
CA MET A 493 -17.86 7.70 13.04
C MET A 493 -19.06 7.37 13.93
N LYS A 494 -19.05 6.25 14.63
CA LYS A 494 -20.30 5.77 15.32
C LYS A 494 -20.81 6.81 16.32
N ALA A 495 -19.95 7.66 16.90
CA ALA A 495 -20.35 8.70 17.87
C ALA A 495 -21.25 9.72 17.18
N PHE A 496 -21.21 9.81 15.85
CA PHE A 496 -21.98 10.82 15.08
C PHE A 496 -23.18 10.20 14.35
N LEU A 497 -23.43 8.91 14.42
CA LEU A 497 -24.49 8.30 13.55
C LEU A 497 -25.65 7.73 14.40
C LYS B 25 -10.25 -39.92 21.39
N LYS B 26 -10.90 -38.75 21.25
CA LYS B 26 -10.37 -37.58 20.52
C LYS B 26 -9.19 -37.04 21.30
N PRO B 27 -8.02 -36.87 20.67
CA PRO B 27 -6.82 -36.57 21.45
C PRO B 27 -6.73 -35.14 21.98
N ASN B 28 -6.07 -34.98 23.11
CA ASN B 28 -5.75 -33.63 23.67
C ASN B 28 -4.65 -33.01 22.81
N VAL B 29 -4.82 -31.73 22.51
CA VAL B 29 -3.86 -30.99 21.65
C VAL B 29 -3.41 -29.74 22.37
N LEU B 30 -2.12 -29.46 22.34
CA LEU B 30 -1.56 -28.20 22.86
C LEU B 30 -0.71 -27.58 21.77
N ILE B 31 -0.98 -26.32 21.42
CA ILE B 31 -0.14 -25.55 20.50
C ILE B 31 0.63 -24.54 21.31
N LEU B 32 1.93 -24.52 21.17
CA LEU B 32 2.82 -23.48 21.71
C LEU B 32 3.27 -22.67 20.51
N LEU B 33 2.75 -21.47 20.41
CA LEU B 33 2.97 -20.58 19.27
C LEU B 33 3.84 -19.42 19.74
N PHE B 34 4.80 -19.04 18.94
CA PHE B 34 5.74 -17.96 19.27
C PHE B 34 5.83 -16.97 18.12
N ASP B 35 5.99 -15.70 18.46
CA ASP B 35 5.96 -14.62 17.45
C ASP B 35 7.36 -14.29 16.98
N ASP B 36 7.61 -14.48 15.70
CA ASP B 36 8.86 -14.02 15.02
C ASP B 36 10.07 -14.80 15.53
N MET B 37 9.85 -16.06 15.84
CA MET B 37 10.88 -16.98 16.33
C MET B 37 11.53 -17.66 15.12
N ARG B 38 12.83 -17.43 14.92
CA ARG B 38 13.56 -17.99 13.77
C ARG B 38 13.76 -19.50 13.91
N PHE B 39 14.07 -20.10 12.76
CA PHE B 39 14.21 -21.56 12.70
C PHE B 39 15.52 -22.02 13.34
N ASP B 40 16.53 -21.15 13.43
CA ASP B 40 17.94 -21.57 13.50
C ASP B 40 18.55 -21.37 14.90
N THR B 41 17.85 -20.77 15.86
CA THR B 41 18.53 -20.28 17.06
C THR B 41 18.85 -21.45 18.03
N PHE B 42 18.05 -22.48 17.99
CA PHE B 42 17.99 -23.57 19.02
C PHE B 42 19.23 -24.43 18.93
N SER B 43 19.62 -24.98 20.08
CA SER B 43 20.76 -25.91 20.11
C SER B 43 20.47 -27.16 19.31
N TYR B 44 19.24 -27.61 19.18
CA TYR B 44 18.97 -28.84 18.38
C TYR B 44 19.23 -28.58 16.90
N ARG B 45 19.25 -27.32 16.48
CA ARG B 45 19.60 -26.93 15.11
C ARG B 45 21.05 -26.48 15.02
N ASN B 46 21.85 -26.82 16.01
CA ASN B 46 23.28 -26.41 16.11
C ASN B 46 23.39 -24.89 16.21
N GLY B 47 22.35 -24.24 16.75
CA GLY B 47 22.36 -22.79 16.93
C GLY B 47 23.04 -22.36 18.22
N PRO B 48 23.10 -21.04 18.46
CA PRO B 48 23.91 -20.48 19.51
C PRO B 48 23.29 -20.51 20.91
N VAL B 49 22.01 -20.83 21.02
CA VAL B 49 21.33 -20.76 22.32
C VAL B 49 21.03 -22.15 22.83
N SER B 50 21.47 -22.44 24.04
CA SER B 50 21.11 -23.68 24.73
C SER B 50 19.59 -23.68 25.03
N THR B 51 18.86 -24.61 24.43
CA THR B 51 17.38 -24.70 24.54
C THR B 51 17.02 -26.13 24.90
N PRO B 52 17.40 -26.58 26.12
CA PRO B 52 17.20 -28.00 26.47
C PRO B 52 15.75 -28.49 26.41
N ASN B 53 14.80 -27.64 26.83
CA ASN B 53 13.40 -28.08 26.85
C ASN B 53 12.86 -28.23 25.43
N ILE B 54 13.11 -27.24 24.56
CA ILE B 54 12.66 -27.35 23.16
C ILE B 54 13.39 -28.50 22.47
N ASP B 55 14.69 -28.63 22.73
CA ASP B 55 15.45 -29.74 22.11
C ASP B 55 14.83 -31.08 22.51
N ALA B 56 14.45 -31.21 23.77
CA ALA B 56 13.88 -32.49 24.22
C ALA B 56 12.55 -32.76 23.51
N LEU B 57 11.71 -31.74 23.36
CA LEU B 57 10.45 -31.94 22.61
C LEU B 57 10.79 -32.31 21.16
N ALA B 58 11.73 -31.63 20.55
CA ALA B 58 12.13 -31.87 19.14
C ALA B 58 12.54 -33.34 18.99
N ASN B 59 13.32 -33.84 19.93
CA ASN B 59 13.86 -35.22 19.78
C ASN B 59 12.82 -36.25 20.20
N GLU B 60 11.73 -35.88 20.88
CA GLU B 60 10.62 -36.79 21.19
C GLU B 60 9.60 -36.80 20.06
N GLY B 61 9.52 -35.73 19.27
CA GLY B 61 8.49 -35.59 18.25
C GLY B 61 9.04 -35.67 16.84
N THR B 62 8.30 -35.09 15.92
CA THR B 62 8.67 -34.99 14.50
C THR B 62 9.22 -33.61 14.29
N ARG B 63 10.49 -33.52 13.91
CA ARG B 63 11.16 -32.26 13.56
C ARG B 63 10.84 -31.96 12.11
N PHE B 64 10.28 -30.80 11.86
CA PHE B 64 10.12 -30.28 10.50
C PHE B 64 11.21 -29.26 10.32
N ASP B 65 12.38 -29.68 9.84
CA ASP B 65 13.57 -28.82 9.81
C ASP B 65 13.58 -27.92 8.56
N GLN B 66 12.67 -28.13 7.62
CA GLN B 66 12.52 -27.27 6.41
C GLN B 66 11.09 -26.74 6.34
N ALA B 67 10.54 -26.41 7.50
CA ALA B 67 9.22 -25.75 7.55
C ALA B 67 9.33 -24.30 7.07
N MET B 68 8.33 -23.87 6.31
CA MET B 68 8.22 -22.53 5.73
C MET B 68 6.89 -21.91 6.17
N THR B 69 6.93 -20.65 6.57
CA THR B 69 5.66 -19.94 6.79
C THR B 69 4.99 -19.65 5.46
N SER B 70 3.74 -19.23 5.57
CA SER B 70 2.93 -18.78 4.41
C SER B 70 3.29 -17.35 4.00
N THR B 71 3.52 -16.49 4.99
CA THR B 71 3.85 -15.08 4.79
C THR B 71 4.65 -14.65 6.01
N GLY B 72 5.73 -13.89 5.85
CA GLY B 72 6.48 -13.31 6.97
C GLY B 72 5.78 -12.09 7.55
N LEU B 73 4.53 -12.27 8.00
CA LEU B 73 3.74 -11.17 8.61
C LEU B 73 2.76 -11.81 9.58
N SER B 75 -0.59 -11.33 11.09
CA SER B 75 -1.98 -11.77 10.94
C SER B 75 -2.14 -12.73 9.77
N PRO B 76 -1.53 -12.50 8.60
CA PRO B 76 -1.72 -13.45 7.48
C PRO B 76 -1.26 -14.87 7.83
N SER B 77 -0.11 -14.96 8.48
CA SER B 77 0.46 -16.28 8.83
C SER B 77 -0.49 -16.98 9.82
N ARG B 78 -1.07 -16.25 10.76
CA ARG B 78 -1.93 -16.84 11.81
C ARG B 78 -3.27 -17.24 11.20
N ALA B 79 -3.82 -16.42 10.32
CA ALA B 79 -5.07 -16.79 9.64
C ALA B 79 -4.82 -18.06 8.85
N ALA B 80 -3.71 -18.18 8.12
CA ALA B 80 -3.45 -19.39 7.31
C ALA B 80 -3.30 -20.59 8.25
N MET B 81 -2.55 -20.41 9.33
CA MET B 81 -2.37 -21.47 10.35
C MET B 81 -3.71 -21.98 10.84
N PHE B 82 -4.60 -21.11 11.27
CA PHE B 82 -5.81 -21.51 12.00
C PHE B 82 -6.95 -21.84 11.01
N THR B 83 -6.94 -21.37 9.77
CA THR B 83 -8.02 -21.67 8.82
C THR B 83 -7.63 -22.80 7.87
N GLY B 84 -6.37 -22.92 7.49
CA GLY B 84 -5.96 -23.86 6.45
C GLY B 84 -6.17 -23.37 5.04
N ARG B 85 -6.46 -22.09 4.87
CA ARG B 85 -6.61 -21.47 3.54
C ARG B 85 -5.76 -20.23 3.39
N TRP B 86 -5.34 -20.00 2.17
CA TRP B 86 -4.62 -18.77 1.80
C TRP B 86 -5.50 -17.53 1.97
N GLY B 87 -4.85 -16.40 2.16
CA GLY B 87 -5.52 -15.08 2.32
C GLY B 87 -6.47 -14.72 1.24
N HIS B 88 -6.22 -15.06 -0.01
CA HIS B 88 -7.16 -14.67 -1.08
C HIS B 88 -8.49 -15.37 -0.88
N LYS B 89 -8.54 -16.46 -0.13
CA LYS B 89 -9.81 -17.15 0.11
C LYS B 89 -10.45 -16.65 1.39
N THR B 90 -9.69 -16.37 2.43
CA THR B 90 -10.28 -15.96 3.70
C THR B 90 -10.47 -14.44 3.76
N GLY B 91 -9.77 -13.70 2.94
CA GLY B 91 -9.74 -12.22 2.97
C GLY B 91 -8.68 -11.70 3.93
N LEU B 92 -8.02 -12.53 4.72
CA LEU B 92 -7.09 -12.04 5.76
C LEU B 92 -5.69 -12.09 5.18
N ASP B 93 -5.36 -11.04 4.44
CA ASP B 93 -4.13 -11.00 3.59
C ASP B 93 -3.19 -9.88 4.00
N ASP B 94 -3.48 -9.24 5.10
CA ASP B 94 -2.61 -8.22 5.71
C ASP B 94 -2.69 -8.33 7.23
N ASN B 95 -1.77 -7.66 7.91
CA ASN B 95 -1.95 -7.42 9.35
C ASN B 95 -3.26 -6.72 9.61
N VAL B 96 -3.79 -6.93 10.77
CA VAL B 96 -4.96 -6.14 11.25
C VAL B 96 -4.50 -5.09 12.27
N GLY B 97 -5.22 -3.97 12.25
CA GLY B 97 -5.12 -2.99 13.34
C GLY B 97 -3.88 -2.14 13.34
N LEU B 98 -3.21 -1.96 12.19
CA LEU B 98 -1.97 -1.20 12.13
C LEU B 98 -1.97 -0.27 10.92
N TYR B 99 -1.42 0.92 11.11
CA TYR B 99 -1.14 1.87 9.99
C TYR B 99 -0.40 1.13 8.89
N HIS B 100 -0.86 1.14 7.65
CA HIS B 100 -2.12 1.68 7.11
C HIS B 100 -2.92 0.56 6.45
N SER B 101 -2.96 -0.61 7.08
CA SER B 101 -3.80 -1.72 6.63
C SER B 101 -5.26 -1.34 6.59
N ARG B 102 -5.99 -1.93 5.67
CA ARG B 102 -7.45 -1.77 5.53
C ARG B 102 -8.19 -2.68 6.49
N LEU B 103 -7.52 -3.63 7.12
CA LEU B 103 -8.22 -4.74 7.81
C LEU B 103 -8.23 -4.56 9.32
N SER B 104 -9.30 -5.00 9.95
CA SER B 104 -9.50 -4.98 11.41
CA SER B 104 -9.39 -4.97 11.44
C SER B 104 -9.55 -6.38 12.02
N GLU B 105 -10.12 -7.34 11.29
CA GLU B 105 -10.31 -8.68 11.91
C GLU B 105 -10.45 -9.73 10.83
N LEU B 106 -10.11 -10.96 11.20
CA LEU B 106 -10.53 -12.13 10.40
C LEU B 106 -12.06 -12.20 10.43
N SER B 107 -12.68 -12.36 9.28
CA SER B 107 -14.13 -12.51 9.20
C SER B 107 -14.64 -13.53 10.20
N LEU B 108 -15.72 -13.24 10.94
CA LEU B 108 -16.36 -14.26 11.79
C LEU B 108 -17.01 -15.37 10.93
N SER B 109 -17.12 -15.22 9.62
CA SER B 109 -17.51 -16.35 8.73
CA SER B 109 -17.49 -16.33 8.67
C SER B 109 -16.42 -17.43 8.74
N GLU B 110 -15.19 -17.06 9.11
CA GLU B 110 -14.08 -18.03 9.26
C GLU B 110 -14.01 -18.52 10.70
N GLY B 111 -14.61 -19.67 11.00
CA GLY B 111 -14.65 -20.17 12.38
C GLY B 111 -13.28 -20.68 12.84
N SER B 112 -12.47 -21.10 11.86
CA SER B 112 -11.14 -21.66 12.07
C SER B 112 -11.20 -23.00 12.79
N VAL B 113 -10.05 -23.61 13.00
CA VAL B 113 -9.99 -24.85 13.83
C VAL B 113 -10.60 -24.61 15.19
N ILE B 114 -10.62 -23.40 15.75
CA ILE B 114 -11.21 -23.14 17.08
C ILE B 114 -12.70 -23.49 17.05
N LYS B 115 -13.46 -22.93 16.14
CA LYS B 115 -14.93 -23.22 16.15
CA LYS B 115 -14.92 -23.21 16.16
C LYS B 115 -15.14 -24.66 15.70
N ARG B 116 -14.36 -25.16 14.76
CA ARG B 116 -14.54 -26.55 14.30
C ARG B 116 -14.31 -27.51 15.45
N ALA B 117 -13.31 -27.32 16.27
CA ALA B 117 -13.07 -28.21 17.42
C ALA B 117 -14.20 -28.05 18.44
N THR B 118 -14.66 -26.84 18.68
CA THR B 118 -15.74 -26.63 19.66
C THR B 118 -16.95 -27.41 19.15
N SER B 119 -17.21 -27.43 17.86
CA SER B 119 -18.43 -28.02 17.28
C SER B 119 -18.49 -29.53 17.56
N ILE B 120 -17.36 -30.21 17.78
CA ILE B 120 -17.34 -31.68 18.02
C ILE B 120 -17.01 -31.93 19.48
N GLY B 121 -17.14 -30.96 20.39
CA GLY B 121 -17.08 -31.21 21.83
C GLY B 121 -15.73 -31.00 22.49
N TYR B 122 -14.74 -30.44 21.80
CA TYR B 122 -13.53 -29.97 22.48
C TYR B 122 -13.79 -28.74 23.36
N ASP B 123 -13.14 -28.69 24.50
CA ASP B 123 -12.97 -27.45 25.28
C ASP B 123 -11.75 -26.73 24.74
N VAL B 124 -11.93 -25.66 23.99
CA VAL B 124 -10.79 -24.91 23.41
C VAL B 124 -10.46 -23.75 24.32
N SER B 125 -9.18 -23.53 24.58
CA SER B 125 -8.70 -22.40 25.39
C SER B 125 -7.60 -21.66 24.64
N TYR B 126 -7.54 -20.37 24.86
CA TYR B 126 -6.56 -19.50 24.16
C TYR B 126 -5.96 -18.56 25.17
N VAL B 127 -4.63 -18.43 25.13
CA VAL B 127 -3.84 -17.51 25.97
C VAL B 127 -2.91 -16.73 25.06
N GLY B 128 -2.84 -15.40 25.21
CA GLY B 128 -1.74 -14.61 24.63
C GLY B 128 -2.06 -13.95 23.32
N LYS B 129 -1.06 -13.84 22.47
CA LYS B 129 -1.15 -13.01 21.24
C LYS B 129 -2.13 -13.69 20.28
N TRP B 130 -3.09 -12.94 19.76
CA TRP B 130 -4.07 -13.40 18.76
C TRP B 130 -3.82 -12.64 17.47
N HIS B 131 -4.04 -11.34 17.45
CA HIS B 131 -3.71 -10.48 16.27
C HIS B 131 -4.53 -10.87 15.05
N LEU B 132 -5.77 -11.30 15.27
CA LEU B 132 -6.72 -11.61 14.18
C LEU B 132 -8.04 -10.89 14.42
N GLY B 133 -8.07 -9.92 15.32
CA GLY B 133 -9.27 -9.15 15.64
C GLY B 133 -9.67 -9.30 17.08
N ALA B 134 -10.04 -8.19 17.71
CA ALA B 134 -10.48 -8.15 19.12
C ALA B 134 -11.49 -9.26 19.40
N GLN B 135 -11.26 -9.98 20.52
CA GLN B 135 -12.19 -10.98 21.09
C GLN B 135 -12.23 -12.24 20.23
N GLY B 136 -11.44 -12.37 19.16
CA GLY B 136 -11.68 -13.42 18.16
C GLY B 136 -11.76 -14.85 18.71
N PRO B 137 -10.87 -15.29 19.61
CA PRO B 137 -10.98 -16.68 20.07
C PRO B 137 -12.33 -16.91 20.77
N ALA B 138 -12.76 -15.95 21.55
CA ALA B 138 -14.00 -16.08 22.35
C ALA B 138 -15.18 -16.09 21.41
N LEU B 139 -15.17 -15.26 20.38
CA LEU B 139 -16.28 -15.20 19.41
C LEU B 139 -16.42 -16.52 18.69
N ARG B 140 -15.38 -17.34 18.62
CA ARG B 140 -15.36 -18.66 17.95
C ARG B 140 -15.50 -19.82 18.94
N GLY B 141 -15.80 -19.53 20.19
CA GLY B 141 -16.18 -20.60 21.14
C GLY B 141 -15.09 -20.98 22.11
N ALA B 142 -13.91 -20.37 22.06
CA ALA B 142 -12.84 -20.69 23.01
C ALA B 142 -13.04 -19.95 24.33
N ASN B 143 -12.47 -20.47 25.40
CA ASN B 143 -12.19 -19.71 26.63
C ASN B 143 -10.94 -18.89 26.36
N PHE B 144 -11.09 -17.61 26.05
CA PHE B 144 -9.96 -16.69 25.88
C PHE B 144 -9.55 -16.26 27.27
N MET B 145 -8.61 -17.00 27.85
CA MET B 145 -8.33 -16.88 29.30
C MET B 145 -7.69 -15.54 29.62
N TRP B 146 -6.77 -15.08 28.79
CA TRP B 146 -5.93 -13.92 29.09
C TRP B 146 -5.22 -13.53 27.82
N GLY B 147 -5.16 -12.27 27.50
CA GLY B 147 -4.39 -11.77 26.36
C GLY B 147 -4.82 -10.41 25.92
N HIS B 148 -3.98 -9.74 25.17
CA HIS B 148 -4.21 -8.36 24.76
C HIS B 148 -5.56 -8.18 24.09
N ASP B 149 -6.02 -9.09 23.24
CA ASP B 149 -7.25 -8.93 22.46
C ASP B 149 -8.50 -9.31 23.23
N LYS B 150 -8.37 -9.80 24.45
CA LYS B 150 -9.52 -10.38 25.18
C LYS B 150 -10.60 -9.35 25.47
N ASP B 151 -10.24 -8.18 25.95
CA ASP B 151 -11.35 -7.25 26.31
C ASP B 151 -11.37 -6.01 25.44
N GLU B 152 -10.75 -6.07 24.27
CA GLU B 152 -10.71 -4.93 23.35
C GLU B 152 -12.02 -4.85 22.57
N GLU B 153 -12.42 -3.61 22.28
CA GLU B 153 -13.54 -3.35 21.36
C GLU B 153 -13.10 -3.64 19.94
N ARG B 154 -14.01 -4.15 19.14
CA ARG B 154 -13.74 -4.39 17.70
C ARG B 154 -13.79 -3.07 16.93
N ASN B 155 -13.23 -3.16 15.73
CA ASN B 155 -13.28 -2.09 14.70
C ASN B 155 -12.53 -0.85 15.17
N GLY B 156 -11.49 -0.99 15.97
CA GLY B 156 -10.66 0.13 16.42
C GLY B 156 -9.90 0.75 15.22
N ARG B 157 -9.49 2.00 15.39
CA ARG B 157 -8.64 2.65 14.39
C ARG B 157 -7.27 2.00 14.34
N PRO B 158 -6.63 1.96 13.16
CA PRO B 158 -5.29 1.35 13.05
C PRO B 158 -4.31 2.07 13.97
N PHE B 159 -3.51 1.29 14.66
CA PHE B 159 -2.45 1.85 15.49
C PHE B 159 -1.38 2.47 14.61
N THR B 160 -1.15 3.75 14.80
CA THR B 160 -0.27 4.60 13.95
C THR B 160 0.94 5.00 14.79
N PRO B 161 2.16 4.62 14.36
CA PRO B 161 3.30 4.62 15.28
C PRO B 161 4.01 5.99 15.44
N TYR B 162 3.26 6.97 15.90
CA TYR B 162 3.77 8.34 16.10
C TYR B 162 4.94 8.32 17.08
N GLN B 163 4.84 7.56 18.16
CA GLN B 163 5.94 7.56 19.15
C GLN B 163 7.17 6.88 18.54
N THR B 164 7.02 5.74 17.89
CA THR B 164 8.18 5.05 17.30
C THR B 164 8.83 5.94 16.24
N GLN B 165 8.03 6.68 15.46
CA GLN B 165 8.59 7.64 14.51
C GLN B 165 9.49 8.66 15.25
N LYS B 166 8.99 9.22 16.33
CA LYS B 166 9.76 10.20 17.12
C LYS B 166 11.04 9.54 17.65
N ASN B 167 10.92 8.31 18.15
CA ASN B 167 12.05 7.63 18.76
C ASN B 167 13.13 7.38 17.70
N VAL B 168 12.75 6.95 16.51
CA VAL B 168 13.77 6.65 15.48
C VAL B 168 14.41 7.96 15.02
N ALA B 169 13.67 9.06 14.99
CA ALA B 169 14.28 10.37 14.70
C ALA B 169 15.32 10.70 15.75
N ARG B 170 15.06 10.40 17.02
CA ARG B 170 16.04 10.63 18.10
C ARG B 170 17.28 9.76 17.84
N MET B 171 17.12 8.51 17.42
CA MET B 171 18.25 7.61 17.14
C MET B 171 19.07 8.23 16.00
N ASN B 172 18.41 8.72 14.96
CA ASN B 172 19.15 9.31 13.80
C ASN B 172 19.89 10.57 14.24
N ALA B 173 19.40 11.25 15.26
CA ALA B 173 20.08 12.45 15.82
C ALA B 173 21.21 12.06 16.74
N GLY B 174 21.47 10.79 16.99
CA GLY B 174 22.59 10.35 17.82
C GLY B 174 22.22 10.12 19.26
N GLU B 175 20.95 10.17 19.60
CA GLU B 175 20.49 9.93 20.98
C GLU B 175 20.42 8.44 21.21
N ARG B 176 20.46 8.05 22.48
CA ARG B 176 20.27 6.67 22.93
C ARG B 176 19.33 6.69 24.11
N ASP B 177 18.84 5.51 24.43
CA ASP B 177 17.95 5.30 25.60
C ASP B 177 18.78 4.86 26.79
N LYS B 178 18.11 4.38 27.83
CA LYS B 178 18.78 4.05 29.11
C LYS B 178 19.92 3.07 28.84
N ASN B 179 21.08 3.33 29.48
CA ASN B 179 22.25 2.42 29.45
C ASN B 179 22.77 2.28 28.02
N GLY B 180 22.53 3.28 27.16
CA GLY B 180 23.04 3.27 25.79
C GLY B 180 22.24 2.34 24.87
N GLU B 181 21.14 1.80 25.36
CA GLU B 181 20.30 0.89 24.53
C GLU B 181 19.52 1.70 23.50
N LYS B 182 18.91 0.98 22.56
CA LYS B 182 17.98 1.57 21.57
C LYS B 182 16.70 0.77 21.69
N HIS B 183 15.73 1.30 22.42
CA HIS B 183 14.57 0.51 22.89
C HIS B 183 13.59 0.18 21.77
N ASP B 184 13.76 0.71 20.56
CA ASP B 184 12.98 0.23 19.38
C ASP B 184 13.63 -0.99 18.77
N TYR B 185 14.71 -1.49 19.36
CA TYR B 185 15.50 -2.63 18.87
C TYR B 185 15.79 -3.62 19.98
N TYR B 186 16.24 -3.14 21.13
CA TYR B 186 16.58 -4.01 22.28
C TYR B 186 16.43 -3.23 23.57
N LYS B 187 15.99 -3.89 24.63
CA LYS B 187 15.74 -3.21 25.90
C LYS B 187 15.86 -4.19 27.05
N THR B 188 16.54 -3.76 28.11
CA THR B 188 16.51 -4.48 29.39
C THR B 188 15.25 -4.07 30.14
N LEU B 189 14.36 -5.03 30.36
CA LEU B 189 13.14 -4.79 31.13
C LEU B 189 13.51 -4.76 32.60
N PRO B 190 12.80 -3.94 33.39
CA PRO B 190 12.98 -4.02 34.84
C PRO B 190 12.37 -5.30 35.39
N GLY B 191 12.77 -5.64 36.60
CA GLY B 191 12.18 -6.74 37.35
C GLY B 191 12.72 -8.09 36.95
N THR B 192 11.92 -9.12 37.20
CA THR B 192 12.36 -10.51 37.03
C THR B 192 11.51 -11.22 35.99
N TYR B 193 11.92 -12.42 35.65
CA TYR B 193 11.10 -13.32 34.80
C TYR B 193 9.68 -13.39 35.36
N ALA B 194 9.51 -13.54 36.67
CA ALA B 194 8.18 -13.76 37.27
C ALA B 194 7.26 -12.57 37.00
N ASP B 195 7.78 -11.39 36.72
CA ASP B 195 6.96 -10.18 36.46
C ASP B 195 6.54 -10.07 34.99
N THR B 196 7.03 -10.95 34.13
CA THR B 196 6.87 -10.77 32.67
C THR B 196 5.51 -11.21 32.16
N VAL B 197 5.14 -10.68 31.02
CA VAL B 197 4.02 -11.18 30.21
C VAL B 197 4.25 -12.68 29.95
N THR B 198 5.45 -13.10 29.59
CA THR B 198 5.70 -14.53 29.31
C THR B 198 5.35 -15.39 30.50
N ALA B 199 5.78 -14.98 31.70
CA ALA B 199 5.50 -15.78 32.90
C ALA B 199 3.98 -15.82 33.14
N LYS B 200 3.27 -14.72 32.90
CA LYS B 200 1.79 -14.75 33.04
C LYS B 200 1.17 -15.70 32.04
N GLU B 201 1.65 -15.69 30.80
CA GLU B 201 1.12 -16.62 29.77
C GLU B 201 1.41 -18.07 30.20
N VAL B 202 2.60 -18.34 30.72
CA VAL B 202 2.91 -19.68 31.29
C VAL B 202 1.91 -20.00 32.40
N ASN B 203 1.71 -19.08 33.33
CA ASN B 203 0.86 -19.38 34.50
C ASN B 203 -0.58 -19.62 34.01
N GLU B 204 -1.07 -18.86 33.04
CA GLU B 204 -2.41 -19.14 32.47
C GLU B 204 -2.44 -20.49 31.75
N GLY B 205 -1.36 -20.83 31.02
CA GLY B 205 -1.26 -22.17 30.46
C GLY B 205 -1.23 -23.26 31.51
N LYS B 206 -0.59 -23.02 32.64
CA LYS B 206 -0.61 -24.04 33.73
C LYS B 206 -2.04 -24.22 34.23
N LEU B 207 -2.75 -23.11 34.42
CA LEU B 207 -4.17 -23.19 34.89
C LEU B 207 -4.99 -23.92 33.85
N MET B 208 -4.77 -23.67 32.55
CA MET B 208 -5.48 -24.36 31.47
C MET B 208 -5.26 -25.88 31.61
N LEU B 209 -4.03 -26.31 31.80
CA LEU B 209 -3.68 -27.76 31.93
C LEU B 209 -4.32 -28.30 33.20
N GLN B 210 -4.22 -27.59 34.32
CA GLN B 210 -4.84 -28.05 35.59
C GLN B 210 -6.33 -28.21 35.37
N ASN B 211 -6.99 -27.27 34.72
CA ASN B 211 -8.46 -27.38 34.52
C ASN B 211 -8.77 -28.51 33.57
N ALA B 212 -7.96 -28.73 32.54
CA ALA B 212 -8.23 -29.78 31.56
C ALA B 212 -8.17 -31.15 32.27
N ALA B 213 -7.24 -31.31 33.22
CA ALA B 213 -7.06 -32.60 33.92
C ALA B 213 -8.29 -32.91 34.77
N LYS B 214 -9.13 -31.93 35.06
CA LYS B 214 -10.32 -32.13 35.93
C LYS B 214 -11.53 -32.49 35.09
N SER B 215 -11.45 -32.40 33.76
CA SER B 215 -12.60 -32.67 32.87
CA SER B 215 -12.60 -32.68 32.88
C SER B 215 -12.37 -33.97 32.11
N ASP B 216 -13.46 -34.67 31.75
CA ASP B 216 -13.36 -35.86 30.86
C ASP B 216 -13.39 -35.41 29.40
N LYS B 217 -13.70 -34.13 29.12
CA LYS B 217 -13.81 -33.58 27.74
C LYS B 217 -12.41 -33.41 27.14
N PRO B 218 -12.26 -33.71 25.85
CA PRO B 218 -10.97 -33.48 25.18
C PRO B 218 -10.71 -31.98 25.16
N PHE B 219 -9.44 -31.62 25.25
CA PHE B 219 -9.07 -30.20 25.28
C PHE B 219 -8.14 -29.90 24.10
N PHE B 220 -8.29 -28.67 23.69
CA PHE B 220 -7.45 -28.03 22.64
C PHE B 220 -6.97 -26.71 23.20
N GLY B 221 -5.72 -26.60 23.60
CA GLY B 221 -5.14 -25.38 24.19
C GLY B 221 -4.17 -24.73 23.26
N ILE B 222 -4.23 -23.42 23.18
CA ILE B 222 -3.27 -22.60 22.44
C ILE B 222 -2.66 -21.60 23.39
N VAL B 223 -1.34 -21.63 23.54
CA VAL B 223 -0.59 -20.63 24.32
C VAL B 223 0.33 -19.95 23.32
N SER B 224 0.04 -18.68 23.10
CA SER B 224 0.65 -17.86 22.02
C SER B 224 1.45 -16.72 22.63
N PHE B 225 2.75 -16.78 22.53
CA PHE B 225 3.67 -15.83 23.18
C PHE B 225 4.05 -14.71 22.22
N GLU B 226 4.09 -13.48 22.74
CA GLU B 226 4.64 -12.34 21.98
C GLU B 226 6.15 -12.53 21.85
N GLN B 227 6.81 -13.07 22.87
CA GLN B 227 8.25 -13.36 22.76
C GLN B 227 8.41 -14.38 21.65
N PRO B 228 9.53 -14.39 20.89
CA PRO B 228 10.67 -13.49 21.06
C PRO B 228 10.65 -12.34 20.07
N HIS B 229 9.55 -11.67 19.83
CA HIS B 229 9.42 -10.70 18.73
C HIS B 229 10.20 -9.43 19.09
N PRO B 230 10.62 -8.67 18.07
CA PRO B 230 11.31 -7.43 18.34
C PRO B 230 10.29 -6.38 18.70
N PRO B 231 10.64 -5.27 19.38
CA PRO B 231 11.98 -5.01 19.92
C PRO B 231 12.31 -6.06 20.98
N TYR B 232 13.56 -6.48 21.02
CA TYR B 232 13.97 -7.58 21.92
C TYR B 232 14.09 -7.08 23.36
N ARG B 233 13.09 -7.42 24.16
CA ARG B 233 12.91 -6.84 25.50
C ARG B 233 12.89 -8.01 26.48
N VAL B 234 13.88 -8.11 27.38
CA VAL B 234 13.94 -9.21 28.37
C VAL B 234 14.45 -8.64 29.67
N PRO B 235 14.03 -9.21 30.81
CA PRO B 235 14.61 -8.82 32.09
C PRO B 235 15.97 -9.51 32.26
N GLU B 236 16.71 -9.07 33.27
CA GLU B 236 17.87 -9.85 33.75
C GLU B 236 17.37 -11.16 34.33
N PRO B 237 18.13 -12.27 34.23
CA PRO B 237 19.48 -12.31 33.67
C PRO B 237 19.55 -12.54 32.15
N TYR B 238 18.39 -12.69 31.53
CA TYR B 238 18.34 -12.99 30.08
C TYR B 238 18.92 -11.84 29.28
N ALA B 239 18.76 -10.59 29.75
CA ALA B 239 19.22 -9.40 29.00
C ALA B 239 20.75 -9.43 28.81
N SER B 240 21.49 -10.01 29.74
CA SER B 240 22.98 -9.94 29.71
CA SER B 240 22.98 -9.94 29.79
C SER B 240 23.59 -11.33 29.57
N MET B 241 22.81 -12.39 29.41
CA MET B 241 23.40 -13.75 29.48
C MET B 241 24.31 -14.01 28.29
N TYR B 242 24.04 -13.44 27.11
CA TYR B 242 24.87 -13.58 25.89
C TYR B 242 25.60 -12.27 25.68
N ASP B 243 26.93 -12.31 25.70
CA ASP B 243 27.79 -11.11 25.51
C ASP B 243 27.71 -10.71 24.05
N TYR B 244 27.30 -9.46 23.80
CA TYR B 244 27.18 -8.97 22.42
C TYR B 244 28.52 -9.11 21.66
N LYS B 245 29.62 -9.04 22.41
CA LYS B 245 30.95 -9.01 21.76
C LYS B 245 31.27 -10.39 21.17
N ASP B 246 30.62 -11.46 21.63
CA ASP B 246 30.93 -12.84 21.23
C ASP B 246 29.97 -13.31 20.13
N ILE B 247 29.02 -12.47 19.71
CA ILE B 247 28.01 -12.90 18.69
C ILE B 247 28.70 -13.17 17.36
N LYS B 248 28.41 -14.31 16.76
CA LYS B 248 28.86 -14.64 15.40
C LYS B 248 27.85 -14.08 14.40
N LEU B 249 28.31 -13.22 13.47
CA LEU B 249 27.45 -12.58 12.47
C LEU B 249 27.61 -13.30 11.14
N PRO B 250 26.53 -13.53 10.39
CA PRO B 250 26.57 -14.33 9.16
C PRO B 250 27.09 -13.60 7.93
N LYS B 251 27.28 -14.34 6.83
CA LYS B 251 27.90 -13.81 5.61
C LYS B 251 27.05 -12.69 5.01
N ASN B 252 25.73 -12.70 5.19
CA ASN B 252 24.85 -11.66 4.61
C ASN B 252 24.58 -10.55 5.60
N PHE B 253 25.26 -10.50 6.73
CA PHE B 253 25.18 -9.33 7.65
C PHE B 253 26.13 -8.24 7.15
N GLY B 254 25.74 -6.98 7.23
CA GLY B 254 26.72 -5.88 7.03
C GLY B 254 26.99 -5.70 5.55
N ILE B 255 25.95 -5.98 4.75
CA ILE B 255 26.01 -5.87 3.26
C ILE B 255 25.00 -4.84 2.79
N LYS B 256 25.38 -4.19 1.71
CA LYS B 256 24.48 -3.34 0.94
C LYS B 256 23.73 -4.28 -0.01
N ARG B 257 22.44 -4.03 -0.15
CA ARG B 257 21.61 -4.82 -1.05
C ARG B 257 21.94 -4.41 -2.47
N LYS B 258 22.42 -5.36 -3.27
CA LYS B 258 22.72 -5.02 -4.67
C LYS B 258 21.67 -5.72 -5.53
N HIS B 259 21.06 -4.96 -6.43
CA HIS B 259 20.15 -5.50 -7.46
C HIS B 259 19.01 -6.28 -6.78
N LYS B 260 18.48 -5.68 -5.71
CA LYS B 260 17.29 -6.23 -5.02
C LYS B 260 16.11 -5.31 -5.28
N PRO B 261 14.89 -5.83 -5.12
CA PRO B 261 13.70 -5.01 -5.35
C PRO B 261 13.62 -3.81 -4.42
N MET B 262 12.97 -2.78 -4.93
CA MET B 262 12.84 -1.48 -4.26
C MET B 262 12.09 -1.61 -2.92
N ALA B 263 11.17 -2.55 -2.77
CA ALA B 263 10.41 -2.63 -1.50
C ALA B 263 11.37 -2.94 -0.35
N GLN B 264 12.52 -3.51 -0.60
CA GLN B 264 13.49 -3.78 0.47
C GLN B 264 14.15 -2.52 0.98
N ASP B 265 14.04 -1.39 0.26
CA ASP B 265 14.74 -0.16 0.66
C ASP B 265 13.82 0.76 1.44
N ASP B 266 12.51 0.62 1.33
CA ASP B 266 11.60 1.66 1.86
C ASP B 266 11.33 1.44 3.35
N ILE B 267 11.07 2.54 4.03
CA ILE B 267 10.94 2.56 5.52
C ILE B 267 9.47 2.35 5.84
N TRP B 268 9.00 1.12 5.76
CA TRP B 268 7.55 0.87 5.85
C TRP B 268 7.06 1.18 7.28
N TRP B 269 7.76 0.63 8.25
CA TRP B 269 7.52 0.92 9.68
C TRP B 269 8.69 1.76 10.16
N PRO B 270 8.52 2.69 11.11
CA PRO B 270 9.63 3.64 11.30
C PRO B 270 10.97 3.04 11.69
N TRP B 271 10.96 1.94 12.43
CA TRP B 271 12.20 1.31 12.89
C TRP B 271 12.92 0.61 11.74
N HIS B 272 12.36 0.51 10.52
CA HIS B 272 13.10 -0.05 9.40
C HIS B 272 14.21 0.89 8.95
N ASP B 273 14.25 2.14 9.40
CA ASP B 273 15.45 2.99 9.18
C ASP B 273 16.54 2.51 10.12
N VAL B 274 17.46 1.71 9.64
CA VAL B 274 18.58 1.17 10.45
C VAL B 274 19.87 1.88 10.08
N SER B 275 19.78 3.05 9.47
CA SER B 275 20.99 3.81 9.09
C SER B 275 21.78 4.22 10.33
N HIS B 276 21.16 4.36 11.49
CA HIS B 276 21.79 4.77 12.76
C HIS B 276 22.41 3.58 13.50
N MET B 277 22.17 2.37 13.06
CA MET B 277 22.59 1.17 13.83
C MET B 277 24.09 0.94 13.69
N SER B 278 24.80 0.92 14.80
CA SER B 278 26.21 0.53 14.80
C SER B 278 26.32 -0.98 14.82
N GLU B 279 27.49 -1.51 14.54
CA GLU B 279 27.73 -2.95 14.69
C GLU B 279 27.36 -3.35 16.12
N THR B 280 27.70 -2.58 17.15
CA THR B 280 27.34 -2.91 18.53
C THR B 280 25.81 -3.00 18.69
N ASP B 281 25.08 -2.07 18.07
CA ASP B 281 23.62 -2.13 18.14
C ASP B 281 23.11 -3.45 17.52
N TRP B 282 23.63 -3.82 16.37
CA TRP B 282 23.20 -5.08 15.73
C TRP B 282 23.59 -6.26 16.60
N ARG B 283 24.77 -6.22 17.21
CA ARG B 283 25.19 -7.35 18.06
C ARG B 283 24.25 -7.47 19.27
N LYS B 284 23.86 -6.35 19.88
CA LYS B 284 22.94 -6.39 21.03
C LYS B 284 21.55 -6.82 20.56
N ALA B 285 21.13 -6.45 19.37
CA ALA B 285 19.84 -7.00 18.88
C ALA B 285 19.93 -8.53 18.89
N HIS B 286 21.03 -9.09 18.44
CA HIS B 286 21.21 -10.56 18.54
C HIS B 286 21.25 -11.02 19.99
N SER B 287 22.04 -10.38 20.84
CA SER B 287 22.24 -10.95 22.18
C SER B 287 20.93 -10.88 22.98
N PHE B 288 20.14 -9.83 22.80
CA PHE B 288 18.84 -9.72 23.50
C PHE B 288 17.85 -10.73 22.91
N TYR B 289 17.85 -10.92 21.59
CA TYR B 289 17.00 -11.96 20.97
C TYR B 289 17.38 -13.33 21.55
N TYR B 290 18.70 -13.62 21.65
CA TYR B 290 19.16 -14.91 22.20
C TYR B 290 18.70 -15.06 23.64
N GLY B 291 18.73 -14.01 24.44
CA GLY B 291 18.16 -14.07 25.80
C GLY B 291 16.69 -14.37 25.78
N ALA B 292 15.95 -13.78 24.85
CA ALA B 292 14.52 -14.07 24.71
C ALA B 292 14.31 -15.54 24.37
N ILE B 293 15.10 -16.10 23.49
CA ILE B 293 15.01 -17.56 23.19
C ILE B 293 15.31 -18.39 24.43
N ALA B 294 16.32 -18.04 25.20
CA ALA B 294 16.61 -18.77 26.47
C ALA B 294 15.37 -18.66 27.36
N MET B 295 14.76 -17.50 27.46
CA MET B 295 13.59 -17.30 28.34
C MET B 295 12.41 -18.14 27.85
N ILE B 296 12.19 -18.18 26.54
CA ILE B 296 11.13 -19.02 25.91
C ILE B 296 11.43 -20.50 26.25
N ASP B 297 12.69 -20.94 26.23
CA ASP B 297 12.93 -22.36 26.52
C ASP B 297 12.51 -22.64 27.96
N HIS B 298 12.79 -21.72 28.87
CA HIS B 298 12.33 -21.87 30.26
C HIS B 298 10.82 -21.99 30.32
N ALA B 299 10.12 -21.11 29.64
CA ALA B 299 8.65 -21.12 29.57
C ALA B 299 8.14 -22.47 29.04
N VAL B 300 8.76 -23.00 28.01
CA VAL B 300 8.32 -24.30 27.44
C VAL B 300 8.52 -25.38 28.51
N GLY B 301 9.67 -25.39 29.17
CA GLY B 301 9.88 -26.41 30.23
C GLY B 301 8.85 -26.29 31.32
N GLU B 302 8.46 -25.08 31.70
CA GLU B 302 7.49 -24.94 32.82
C GLU B 302 6.16 -25.55 32.39
N LEU B 303 5.72 -25.31 31.15
CA LEU B 303 4.45 -25.87 30.68
C LEU B 303 4.53 -27.37 30.50
N ILE B 304 5.63 -27.88 29.94
CA ILE B 304 5.78 -29.34 29.75
C ILE B 304 5.80 -30.01 31.13
N ASN B 305 6.49 -29.46 32.11
CA ASN B 305 6.57 -30.07 33.45
C ASN B 305 5.17 -30.04 34.06
N THR B 306 4.38 -29.00 33.85
CA THR B 306 3.00 -29.01 34.39
C THR B 306 2.17 -30.06 33.68
N ALA B 307 2.28 -30.19 32.37
CA ALA B 307 1.54 -31.23 31.65
C ALA B 307 1.90 -32.61 32.22
N LYS B 308 3.17 -32.83 32.53
CA LYS B 308 3.64 -34.12 33.12
C LYS B 308 3.03 -34.29 34.50
N GLU B 309 3.11 -33.28 35.36
CA GLU B 309 2.62 -33.34 36.75
C GLU B 309 1.12 -33.62 36.71
N GLU B 310 0.37 -33.12 35.72
CA GLU B 310 -1.10 -33.30 35.65
C GLU B 310 -1.50 -34.61 34.99
N GLY B 311 -0.53 -35.41 34.55
CA GLY B 311 -0.77 -36.68 33.87
C GLY B 311 -1.32 -36.52 32.48
N LEU B 312 -1.12 -35.37 31.83
CA LEU B 312 -1.62 -35.13 30.46
C LEU B 312 -0.53 -35.35 29.39
N TYR B 313 0.73 -35.26 29.79
CA TYR B 313 1.83 -35.24 28.80
C TYR B 313 1.85 -36.50 27.94
N ASP B 314 1.70 -37.68 28.56
CA ASP B 314 1.95 -38.93 27.82
C ASP B 314 1.07 -39.05 26.59
N ASP B 315 -0.16 -38.55 26.58
CA ASP B 315 -1.06 -38.66 25.43
C ASP B 315 -1.20 -37.30 24.71
N LEU B 316 -0.38 -36.33 25.10
CA LEU B 316 -0.60 -34.94 24.58
C LEU B 316 -0.02 -34.81 23.18
N HIS B 317 -0.84 -34.34 22.23
CA HIS B 317 -0.44 -34.08 20.85
C HIS B 317 -0.02 -32.62 20.79
N ILE B 318 1.22 -32.34 20.49
CA ILE B 318 1.82 -30.99 20.69
C ILE B 318 2.31 -30.44 19.36
N ILE B 319 2.03 -29.18 19.10
CA ILE B 319 2.67 -28.40 18.00
C ILE B 319 3.44 -27.27 18.64
N LEU B 320 4.71 -27.09 18.31
CA LEU B 320 5.51 -25.91 18.67
C LEU B 320 5.89 -25.29 17.35
N VAL B 321 5.56 -24.00 17.20
CA VAL B 321 5.81 -23.33 15.91
C VAL B 321 6.08 -21.86 16.15
N GLY B 322 6.88 -21.26 15.31
CA GLY B 322 7.00 -19.81 15.21
C GLY B 322 6.23 -19.34 14.00
N ASP B 323 5.53 -18.18 14.09
CA ASP B 323 4.66 -17.78 12.97
C ASP B 323 5.48 -17.43 11.72
N GLN B 324 6.67 -16.94 11.92
CA GLN B 324 7.67 -16.65 10.88
C GLN B 324 8.95 -16.32 11.63
N GLY B 325 10.01 -16.11 10.90
CA GLY B 325 11.27 -15.66 11.51
C GLY B 325 11.34 -14.16 11.66
N SER B 326 12.54 -13.60 11.63
CA SER B 326 12.80 -12.18 11.96
C SER B 326 14.20 -11.86 11.46
N MET B 327 14.38 -10.67 10.94
CA MET B 327 15.67 -10.23 10.38
C MET B 327 16.49 -9.53 11.47
N LEU B 328 17.74 -9.97 11.53
CA LEU B 328 18.72 -9.45 12.50
C LEU B 328 19.90 -8.84 11.75
N GLY B 329 19.63 -8.09 10.69
CA GLY B 329 20.67 -7.35 9.94
C GLY B 329 21.16 -8.07 8.70
N GLU B 330 20.64 -9.24 8.41
CA GLU B 330 20.93 -9.91 7.13
C GLU B 330 20.33 -9.02 6.03
N HIS B 331 21.08 -8.78 4.96
CA HIS B 331 20.68 -7.85 3.90
C HIS B 331 20.42 -6.46 4.47
N ASN B 332 21.00 -6.12 5.60
CA ASN B 332 20.80 -4.83 6.28
C ASN B 332 19.33 -4.61 6.62
N LEU B 333 18.60 -5.67 6.99
CA LEU B 333 17.16 -5.56 7.33
C LEU B 333 16.95 -5.92 8.78
N TYR B 334 16.00 -5.23 9.38
CA TYR B 334 15.51 -5.52 10.75
C TYR B 334 14.05 -5.92 10.71
N ASP B 335 13.64 -6.81 11.61
CA ASP B 335 12.22 -7.15 11.86
C ASP B 335 11.70 -7.91 10.65
N LYS B 336 10.75 -7.37 9.91
CA LYS B 336 10.07 -8.07 8.81
CA LYS B 336 10.11 -8.07 8.78
C LYS B 336 9.66 -7.01 7.81
N GLY B 337 9.27 -7.43 6.64
CA GLY B 337 8.82 -6.55 5.56
C GLY B 337 8.56 -7.41 4.35
N PRO B 338 8.21 -6.75 3.23
CA PRO B 338 7.75 -7.47 2.03
C PRO B 338 8.91 -8.03 1.23
N TYR B 339 9.32 -9.21 1.65
CA TYR B 339 10.43 -9.94 1.03
C TYR B 339 10.38 -11.37 1.52
N ALA B 340 11.22 -12.22 0.93
CA ALA B 340 11.10 -13.69 1.02
C ALA B 340 12.37 -14.34 1.53
N TYR B 341 13.32 -13.63 2.10
CA TYR B 341 14.59 -14.24 2.56
C TYR B 341 14.30 -15.33 3.55
N ASP B 342 15.18 -16.32 3.52
CA ASP B 342 15.05 -17.51 4.37
C ASP B 342 14.94 -17.15 5.85
N GLU B 343 15.65 -16.14 6.36
CA GLU B 343 15.63 -15.86 7.80
C GLU B 343 14.21 -15.53 8.25
N LEU B 344 13.39 -14.97 7.35
CA LEU B 344 11.99 -14.64 7.64
C LEU B 344 11.05 -15.77 7.20
N MET B 345 11.31 -16.35 6.03
CA MET B 345 10.38 -17.34 5.46
C MET B 345 10.46 -18.68 6.22
N ARG B 346 11.64 -19.03 6.68
CA ARG B 346 11.76 -20.31 7.41
C ARG B 346 11.13 -20.17 8.81
N MET B 347 10.52 -21.26 9.28
CA MET B 347 9.95 -21.24 10.62
C MET B 347 10.34 -22.51 11.36
N PRO B 348 10.53 -22.43 12.68
CA PRO B 348 10.70 -23.63 13.49
C PRO B 348 9.37 -24.36 13.57
N LEU B 349 9.39 -25.69 13.56
CA LEU B 349 8.16 -26.50 13.66
C LEU B 349 8.54 -27.87 14.22
N ILE B 350 7.86 -28.22 15.28
CA ILE B 350 7.91 -29.56 15.92
C ILE B 350 6.49 -30.02 16.09
N ILE B 351 6.18 -31.22 15.64
CA ILE B 351 4.84 -31.80 15.88
C ILE B 351 5.08 -33.11 16.62
N ARG B 352 4.60 -33.22 17.83
CA ARG B 352 4.81 -34.44 18.65
C ARG B 352 3.51 -35.21 18.72
N ASP B 353 3.49 -36.38 18.13
CA ASP B 353 2.38 -37.33 18.26
C ASP B 353 2.88 -38.47 19.13
N PRO B 354 2.31 -38.68 20.33
CA PRO B 354 2.83 -39.67 21.26
C PRO B 354 2.70 -41.11 20.75
N SER B 355 1.98 -41.36 19.68
CA SER B 355 1.84 -42.72 19.11
C SER B 355 2.95 -43.00 18.12
N LEU B 356 3.80 -42.05 17.77
CA LEU B 356 4.75 -42.22 16.65
C LEU B 356 6.18 -42.13 17.14
N GLU B 357 7.08 -42.86 16.49
CA GLU B 357 8.52 -42.72 16.78
C GLU B 357 9.04 -41.43 16.12
N PRO B 358 10.02 -40.79 16.78
CA PRO B 358 10.60 -39.54 16.25
C PRO B 358 11.28 -39.73 14.92
N LYS B 359 11.10 -38.73 14.07
CA LYS B 359 11.75 -38.62 12.77
C LYS B 359 12.12 -37.18 12.52
N ILE B 360 13.02 -36.96 11.58
CA ILE B 360 13.40 -35.62 11.07
C ILE B 360 12.96 -35.55 9.64
N ILE B 361 12.12 -34.57 9.35
CA ILE B 361 11.59 -34.33 8.00
C ILE B 361 12.41 -33.22 7.37
N ASN B 362 13.13 -33.51 6.31
CA ASN B 362 13.94 -32.54 5.57
C ASN B 362 13.21 -32.09 4.33
N ARG B 363 12.13 -32.75 3.94
CA ARG B 363 11.34 -32.18 2.82
C ARG B 363 10.62 -30.92 3.32
N GLN B 364 10.39 -29.98 2.43
CA GLN B 364 9.74 -28.74 2.87
C GLN B 364 8.29 -28.96 3.21
N VAL B 365 7.84 -28.25 4.24
CA VAL B 365 6.41 -28.21 4.59
C VAL B 365 6.04 -26.75 4.81
N SER B 366 4.76 -26.50 4.99
CA SER B 366 4.17 -25.14 4.97
C SER B 366 3.29 -24.91 6.16
N MET B 367 3.14 -23.62 6.53
CA MET B 367 2.10 -23.24 7.52
C MET B 367 0.70 -23.70 7.06
N LEU B 368 0.46 -23.82 5.76
CA LEU B 368 -0.87 -24.33 5.29
C LEU B 368 -1.06 -25.80 5.67
N ASP B 369 -0.05 -26.48 6.16
CA ASP B 369 -0.20 -27.92 6.51
C ASP B 369 -0.60 -28.08 7.96
N ILE B 370 -0.67 -27.02 8.76
CA ILE B 370 -0.99 -27.16 10.18
C ILE B 370 -2.46 -27.51 10.36
N ALA B 371 -3.37 -26.76 9.78
CA ALA B 371 -4.81 -27.02 9.99
C ALA B 371 -5.19 -28.43 9.50
N PRO B 372 -4.73 -28.94 8.34
CA PRO B 372 -5.06 -30.30 7.97
C PRO B 372 -4.51 -31.36 8.95
N THR B 373 -3.34 -31.08 9.55
CA THR B 373 -2.77 -31.99 10.57
C THR B 373 -3.68 -32.01 11.78
N LEU B 374 -4.13 -30.87 12.27
CA LEU B 374 -5.10 -30.77 13.37
C LEU B 374 -6.40 -31.47 12.96
N ARG B 375 -6.82 -31.26 11.73
CA ARG B 375 -8.07 -31.86 11.25
C ARG B 375 -7.95 -33.38 11.31
N GLN B 376 -6.83 -33.95 10.91
CA GLN B 376 -6.67 -35.42 10.96
C GLN B 376 -6.57 -35.87 12.41
N TRP B 377 -5.77 -35.24 13.25
CA TRP B 377 -5.68 -35.62 14.68
C TRP B 377 -7.06 -35.67 15.30
N MET B 378 -7.84 -34.61 15.08
CA MET B 378 -9.00 -34.29 15.93
C MET B 378 -10.29 -34.74 15.23
N THR B 379 -10.22 -35.23 14.01
CA THR B 379 -11.38 -35.51 13.14
C THR B 379 -12.26 -34.25 13.09
N LEU B 380 -11.64 -33.12 12.77
CA LEU B 380 -12.41 -31.87 12.63
C LEU B 380 -13.30 -32.00 11.41
N PRO B 381 -14.51 -31.37 11.48
CA PRO B 381 -15.35 -31.27 10.29
C PRO B 381 -14.69 -30.36 9.25
N LEU B 382 -14.87 -30.59 7.96
CA LEU B 382 -14.33 -29.63 6.96
C LEU B 382 -15.23 -28.39 6.99
N ASP B 383 -14.61 -27.26 6.71
CA ASP B 383 -15.29 -25.95 6.58
C ASP B 383 -14.86 -25.32 5.27
N GLY B 384 -14.56 -26.12 4.27
CA GLY B 384 -14.07 -25.62 2.98
C GLY B 384 -12.75 -26.22 2.58
N ASP B 385 -12.08 -25.58 1.66
CA ASP B 385 -10.84 -26.11 1.08
C ASP B 385 -9.75 -26.26 2.15
N GLU B 386 -8.86 -27.21 1.90
CA GLU B 386 -7.55 -27.28 2.55
C GLU B 386 -6.50 -26.96 1.51
N ASP B 387 -5.82 -25.83 1.61
CA ASP B 387 -4.81 -25.48 0.61
C ASP B 387 -3.49 -26.20 0.87
N GLY B 388 -3.36 -26.80 2.06
CA GLY B 388 -2.19 -27.63 2.40
C GLY B 388 -2.55 -29.07 2.50
N ARG B 389 -1.70 -29.81 3.18
CA ARG B 389 -1.92 -31.27 3.36
C ARG B 389 -1.58 -31.66 4.79
N SER B 390 -2.21 -32.73 5.27
CA SER B 390 -1.88 -33.26 6.59
C SER B 390 -0.45 -33.76 6.60
N LEU B 391 0.22 -33.52 7.71
CA LEU B 391 1.64 -33.95 7.91
C LEU B 391 1.68 -35.33 8.54
N LEU B 392 0.55 -35.98 8.79
CA LEU B 392 0.64 -37.32 9.44
C LEU B 392 1.39 -38.32 8.59
N PRO B 393 1.21 -38.43 7.28
CA PRO B 393 1.98 -39.40 6.50
C PRO B 393 3.48 -39.16 6.70
N LEU B 394 3.97 -37.91 6.62
CA LEU B 394 5.42 -37.64 6.83
C LEU B 394 5.81 -38.01 8.26
N MET B 395 4.98 -37.73 9.25
CA MET B 395 5.29 -38.04 10.65
C MET B 395 5.42 -39.56 10.80
N LYS B 396 4.61 -40.33 10.11
CA LYS B 396 4.64 -41.81 10.24
C LYS B 396 5.78 -42.38 9.43
N GLN B 397 5.96 -41.94 8.20
CA GLN B 397 6.83 -42.66 7.25
C GLN B 397 8.17 -41.95 7.04
N GLY B 398 8.31 -40.70 7.46
CA GLY B 398 9.48 -39.89 7.12
C GLY B 398 9.38 -39.31 5.71
N ASP B 399 10.46 -38.74 5.22
CA ASP B 399 10.51 -38.08 3.90
C ASP B 399 10.06 -39.01 2.79
N SER B 400 10.24 -40.32 2.96
CA SER B 400 9.80 -41.32 1.96
C SER B 400 8.31 -41.21 1.66
N ALA B 401 7.49 -40.62 2.51
CA ALA B 401 6.04 -40.47 2.22
C ALA B 401 5.87 -39.68 0.91
N ASP B 402 6.78 -38.77 0.61
CA ASP B 402 6.65 -37.88 -0.58
C ASP B 402 7.69 -38.27 -1.65
N ALA B 403 8.31 -39.46 -1.58
CA ALA B 403 9.26 -39.89 -2.61
C ALA B 403 8.68 -39.73 -4.02
N GLY B 404 9.46 -39.16 -4.90
CA GLY B 404 9.08 -38.98 -6.31
C GLY B 404 8.32 -37.68 -6.54
N LYS B 405 7.92 -36.99 -5.48
CA LYS B 405 7.13 -35.73 -5.61
C LYS B 405 8.08 -34.55 -5.58
N ASP B 406 7.75 -33.49 -6.31
CA ASP B 406 8.50 -32.22 -6.24
C ASP B 406 8.52 -31.73 -4.79
N ASP B 407 9.69 -31.28 -4.38
CA ASP B 407 9.96 -30.72 -3.03
C ASP B 407 9.98 -29.19 -3.18
N ILE B 408 8.81 -28.60 -3.01
CA ILE B 408 8.60 -27.14 -3.16
C ILE B 408 7.93 -26.61 -1.92
N SER B 409 8.13 -25.32 -1.75
CA SER B 409 7.26 -24.51 -0.85
C SER B 409 6.80 -23.26 -1.59
N LEU B 410 5.63 -22.78 -1.20
CA LEU B 410 5.01 -21.57 -1.77
C LEU B 410 4.83 -20.54 -0.65
N TYR B 411 5.26 -19.31 -0.94
CA TYR B 411 5.20 -18.19 0.02
C TYR B 411 4.53 -17.03 -0.66
N ALA B 412 3.71 -16.30 0.07
CA ALA B 412 3.05 -15.12 -0.47
C ALA B 412 3.41 -13.92 0.41
N TYR B 413 3.46 -12.73 -0.17
CA TYR B 413 3.56 -11.49 0.60
C TYR B 413 2.65 -10.47 -0.08
N GLU B 414 1.34 -10.68 0.11
CA GLU B 414 0.33 -9.88 -0.62
C GLU B 414 0.41 -8.41 -0.21
N TRP B 415 0.55 -8.17 1.09
CA TRP B 415 0.50 -6.82 1.69
C TRP B 415 1.52 -6.73 2.80
N TYR B 416 2.02 -5.53 3.05
CA TYR B 416 2.68 -5.16 4.32
C TYR B 416 2.03 -3.90 4.86
N ASN B 417 1.18 -4.07 5.84
CA ASN B 417 0.59 -2.93 6.59
C ASN B 417 0.07 -1.86 5.63
N GLY B 418 -0.79 -2.27 4.70
CA GLY B 418 -1.39 -1.29 3.78
C GLY B 418 -0.64 -1.04 2.50
N GLY B 419 0.57 -1.54 2.36
CA GLY B 419 1.27 -1.56 1.08
C GLY B 419 0.98 -2.85 0.37
N TRP B 420 0.51 -2.75 -0.85
CA TRP B 420 0.25 -3.93 -1.69
C TRP B 420 1.49 -4.29 -2.48
N PHE B 421 1.85 -5.58 -2.43
CA PHE B 421 3.04 -6.07 -3.17
C PHE B 421 2.73 -7.31 -4.03
N GLY B 422 1.79 -8.14 -3.65
CA GLY B 422 1.43 -9.30 -4.50
C GLY B 422 2.54 -10.36 -4.60
N ILE B 423 3.52 -10.31 -3.72
CA ILE B 423 4.73 -11.16 -3.88
C ILE B 423 4.40 -12.66 -3.78
N ARG B 424 5.02 -13.45 -4.65
CA ARG B 424 4.95 -14.93 -4.57
C ARG B 424 6.38 -15.47 -4.68
N ALA B 425 6.74 -16.43 -3.85
CA ALA B 425 8.01 -17.14 -3.99
C ALA B 425 7.77 -18.62 -4.06
N ILE B 426 8.56 -19.27 -4.91
CA ILE B 426 8.66 -20.75 -4.91
CA ILE B 426 8.69 -20.77 -5.00
C ILE B 426 10.10 -21.10 -4.53
N ARG B 427 10.20 -22.03 -3.60
CA ARG B 427 11.51 -22.44 -3.05
C ARG B 427 11.61 -23.94 -3.25
N THR B 428 12.72 -24.33 -3.85
CA THR B 428 13.14 -25.74 -3.92
C THR B 428 14.35 -25.89 -3.02
N PRO B 429 14.87 -27.12 -2.85
CA PRO B 429 16.02 -27.22 -1.98
C PRO B 429 17.26 -26.52 -2.50
N GLU B 430 17.30 -26.20 -3.79
CA GLU B 430 18.50 -25.58 -4.39
C GLU B 430 18.26 -24.19 -4.96
N MET B 431 17.02 -23.70 -5.08
CA MET B 431 16.77 -22.43 -5.79
C MET B 431 15.54 -21.76 -5.16
N LYS B 432 15.46 -20.45 -5.33
CA LYS B 432 14.25 -19.68 -4.95
C LYS B 432 14.00 -18.65 -6.05
N PHE B 433 12.77 -18.61 -6.51
CA PHE B 433 12.31 -17.57 -7.44
C PHE B 433 11.26 -16.75 -6.71
N VAL B 434 11.44 -15.44 -6.75
CA VAL B 434 10.47 -14.48 -6.16
C VAL B 434 9.95 -13.56 -7.25
N TRP B 435 8.62 -13.62 -7.43
CA TRP B 435 7.88 -12.73 -8.33
C TRP B 435 7.41 -11.52 -7.53
N ASN B 436 7.80 -10.34 -8.01
CA ASN B 436 7.47 -9.04 -7.38
C ASN B 436 6.60 -8.24 -8.34
N PRO B 437 5.29 -8.53 -8.47
CA PRO B 437 4.51 -7.91 -9.54
C PRO B 437 4.24 -6.41 -9.38
N GLY B 438 4.58 -5.83 -8.23
CA GLY B 438 4.55 -4.38 -8.02
C GLY B 438 5.86 -3.71 -8.40
N ASP B 439 6.76 -4.45 -9.02
CA ASP B 439 8.14 -4.02 -9.36
C ASP B 439 8.42 -4.51 -10.77
N SER B 440 9.53 -4.06 -11.31
CA SER B 440 10.11 -4.66 -12.53
C SER B 440 11.13 -5.73 -12.20
N ARG B 441 11.58 -5.81 -10.96
CA ARG B 441 12.71 -6.64 -10.57
C ARG B 441 12.23 -7.85 -9.80
N ASP B 442 12.38 -9.05 -10.37
CA ASP B 442 12.18 -10.33 -9.68
C ASP B 442 13.51 -10.74 -9.03
N GLU B 443 13.45 -11.77 -8.19
CA GLU B 443 14.67 -12.34 -7.57
C GLU B 443 14.81 -13.81 -7.94
N LEU B 444 16.09 -14.19 -8.13
CA LEU B 444 16.42 -15.61 -8.31
C LEU B 444 17.69 -15.92 -7.50
N TYR B 445 17.55 -16.81 -6.54
CA TYR B 445 18.68 -17.18 -5.68
C TYR B 445 19.02 -18.64 -5.89
N ASP B 446 20.32 -18.87 -6.01
CA ASP B 446 20.89 -20.24 -6.03
C ASP B 446 21.22 -20.59 -4.60
N LEU B 447 20.34 -21.35 -3.95
CA LEU B 447 20.52 -21.65 -2.52
C LEU B 447 21.66 -22.64 -2.32
N LYS B 448 22.00 -23.41 -3.34
CA LYS B 448 23.13 -24.38 -3.17
C LYS B 448 24.44 -23.60 -3.06
N ASN B 449 24.67 -22.66 -3.98
CA ASN B 449 25.93 -21.89 -4.07
C ASN B 449 25.90 -20.59 -3.30
N ASP B 450 24.70 -20.11 -2.97
CA ASP B 450 24.51 -18.77 -2.35
C ASP B 450 23.37 -18.90 -1.35
N PRO B 451 23.51 -19.72 -0.30
CA PRO B 451 22.43 -19.92 0.65
C PRO B 451 22.07 -18.64 1.43
N TYR B 452 22.97 -17.66 1.47
CA TYR B 452 22.73 -16.37 2.13
C TYR B 452 21.98 -15.38 1.20
N GLU B 453 21.66 -15.81 -0.02
CA GLU B 453 20.78 -15.04 -0.93
C GLU B 453 21.33 -13.64 -1.18
N ILE B 454 22.63 -13.52 -1.36
CA ILE B 454 23.32 -12.21 -1.58
C ILE B 454 23.19 -11.82 -3.05
N THR B 455 23.21 -12.76 -3.98
CA THR B 455 23.34 -12.43 -5.42
C THR B 455 22.04 -12.74 -6.13
N ASN B 456 21.35 -11.68 -6.58
CA ASN B 456 20.16 -11.85 -7.43
C ASN B 456 20.60 -12.25 -8.85
N GLN B 457 20.31 -13.47 -9.24
CA GLN B 457 20.70 -14.04 -10.53
C GLN B 457 19.61 -13.90 -11.60
N ILE B 458 18.57 -13.10 -11.35
CA ILE B 458 17.41 -13.04 -12.28
C ILE B 458 17.84 -12.72 -13.72
N ASP B 459 18.84 -11.90 -13.92
CA ASP B 459 19.27 -11.42 -15.28
C ASP B 459 20.42 -12.29 -15.81
N ASN B 460 20.90 -13.27 -15.06
CA ASN B 460 22.08 -14.09 -15.47
C ASN B 460 21.64 -15.20 -16.40
N PRO B 461 22.08 -15.18 -17.70
CA PRO B 461 21.63 -16.20 -18.63
C PRO B 461 22.07 -17.62 -18.29
N LYS B 462 23.06 -17.77 -17.42
CA LYS B 462 23.49 -19.10 -16.94
C LYS B 462 22.35 -19.78 -16.16
N TYR B 463 21.36 -19.04 -15.66
CA TYR B 463 20.27 -19.61 -14.83
C TYR B 463 18.96 -19.68 -15.61
N LYS B 464 18.98 -19.53 -16.95
CA LYS B 464 17.71 -19.49 -17.73
C LYS B 464 16.95 -20.79 -17.52
N LYS B 465 17.61 -21.96 -17.49
CA LYS B 465 16.90 -23.25 -17.39
C LYS B 465 16.22 -23.33 -16.01
N GLN B 466 16.93 -22.96 -14.95
CA GLN B 466 16.39 -23.03 -13.56
C GLN B 466 15.21 -22.05 -13.44
N LEU B 467 15.37 -20.85 -14.00
CA LEU B 467 14.29 -19.83 -13.93
C LEU B 467 13.07 -20.37 -14.67
N THR B 468 13.25 -20.98 -15.82
CA THR B 468 12.11 -21.46 -16.62
C THR B 468 11.36 -22.53 -15.82
N ASP B 469 12.11 -23.44 -15.19
CA ASP B 469 11.52 -24.52 -14.36
C ASP B 469 10.69 -23.89 -13.21
N LEU B 470 11.28 -22.91 -12.55
CA LEU B 470 10.63 -22.32 -11.35
C LEU B 470 9.39 -21.53 -11.76
N VAL B 471 9.44 -20.86 -12.90
CA VAL B 471 8.25 -20.12 -13.40
C VAL B 471 7.12 -21.11 -13.67
N HIS B 472 7.44 -22.23 -14.32
CA HIS B 472 6.39 -23.25 -14.57
C HIS B 472 5.87 -23.81 -13.25
N LYS B 473 6.72 -24.09 -12.27
CA LYS B 473 6.30 -24.61 -10.95
C LYS B 473 5.36 -23.57 -10.30
N MET B 474 5.75 -22.30 -10.33
CA MET B 474 4.91 -21.26 -9.70
C MET B 474 3.56 -21.21 -10.41
N ALA B 475 3.51 -21.21 -11.74
CA ALA B 475 2.20 -21.18 -12.45
C ALA B 475 1.32 -22.35 -11.97
N GLY B 476 1.90 -23.54 -11.84
CA GLY B 476 1.12 -24.69 -11.35
C GLY B 476 0.56 -24.47 -9.97
N GLU B 477 1.37 -23.87 -9.09
CA GLU B 477 0.92 -23.63 -7.70
C GLU B 477 -0.15 -22.55 -7.63
N LEU B 478 0.01 -21.47 -8.39
CA LEU B 478 -1.04 -20.43 -8.38
C LEU B 478 -2.34 -21.00 -8.95
N ASN B 479 -2.24 -21.86 -9.95
CA ASN B 479 -3.45 -22.52 -10.47
C ASN B 479 -4.07 -23.45 -9.40
N ARG B 480 -3.24 -24.22 -8.72
CA ARG B 480 -3.76 -25.20 -7.73
C ARG B 480 -4.59 -24.50 -6.66
N ILE B 481 -4.08 -23.37 -6.15
CA ILE B 481 -4.78 -22.62 -5.06
C ILE B 481 -5.77 -21.61 -5.60
N ASP B 482 -5.99 -21.55 -6.90
CA ASP B 482 -6.98 -20.64 -7.54
C ASP B 482 -6.66 -19.20 -7.18
N ASP B 483 -5.40 -18.85 -7.27
CA ASP B 483 -4.94 -17.48 -7.00
C ASP B 483 -5.32 -16.65 -8.22
N PRO B 484 -6.15 -15.60 -8.07
CA PRO B 484 -6.49 -14.79 -9.23
C PRO B 484 -5.34 -14.00 -9.83
N SER B 485 -4.18 -13.95 -9.21
CA SER B 485 -3.01 -13.31 -9.81
C SER B 485 -2.33 -14.15 -10.89
N LEU B 486 -2.83 -15.37 -11.12
CA LEU B 486 -2.31 -16.20 -12.23
C LEU B 486 -2.39 -15.44 -13.56
N THR B 487 -3.47 -14.73 -13.82
CA THR B 487 -3.61 -13.98 -15.10
C THR B 487 -2.45 -12.99 -15.27
N LYS B 488 -2.15 -12.19 -14.25
CA LYS B 488 -1.02 -11.25 -14.33
C LYS B 488 0.31 -12.00 -14.45
N PHE B 489 0.43 -13.11 -13.71
CA PHE B 489 1.66 -13.94 -13.76
C PHE B 489 1.93 -14.39 -15.20
N ASN B 490 0.87 -14.84 -15.87
CA ASN B 490 1.08 -15.37 -17.24
C ASN B 490 1.45 -14.22 -18.17
N HIS B 491 1.00 -12.99 -17.92
CA HIS B 491 1.47 -11.85 -18.75
C HIS B 491 2.95 -11.54 -18.44
N HIS B 492 3.30 -11.41 -17.17
CA HIS B 492 4.68 -11.04 -16.77
C HIS B 492 5.69 -12.10 -17.26
N MET B 493 5.24 -13.36 -17.28
CA MET B 493 6.12 -14.52 -17.56
C MET B 493 5.93 -15.03 -18.99
N LYS B 494 5.34 -14.24 -19.87
CA LYS B 494 5.02 -14.67 -21.26
C LYS B 494 6.29 -15.19 -21.97
N ALA B 495 7.50 -14.73 -21.64
CA ALA B 495 8.74 -15.24 -22.33
C ALA B 495 8.96 -16.73 -22.02
N PHE B 496 8.22 -17.30 -21.06
CA PHE B 496 8.22 -18.73 -20.68
C PHE B 496 6.83 -19.32 -20.96
#